data_3P4O
#
_entry.id   3P4O
#
_cell.length_a   66.750
_cell.length_b   85.050
_cell.length_c   89.180
_cell.angle_alpha   90.000
_cell.angle_beta   111.330
_cell.angle_gamma   90.000
#
_symmetry.space_group_name_H-M   'P 1 21 1'
#
loop_
_entity.id
_entity.type
_entity.pdbx_description
1 polymer 'H-2 class I histocompatibility antigen, K-B alpha chain'
2 polymer Beta-2-microglobulin
3 polymer 'NP205-LCMV epitope, YTAKYPNL'
4 non-polymer 'ACETYL GROUP'
5 water water
#
loop_
_entity_poly.entity_id
_entity_poly.type
_entity_poly.pdbx_seq_one_letter_code
_entity_poly.pdbx_strand_id
1 'polypeptide(L)'
;MGPHSLRYFVTAVSRPGLGEPRYMEVGYVDDTEFVRFDSDAENPRYEPRARWMEQEGPEYWERETQKAKGNEQSFRVDLR
TLLGYYNQSKGGSHTIQVISGCEVGSDGRLLRGYQQYAYDGCDYIALNEDLKTWTAADMAALITKHKWEQAGEAERLRAY
LEGTCVEWLRRYLKNGNATLLRTDSPKAHVTHHSRPEDKVTLRCWALGFYPADITLTWQLNGEELIQDMELVETRPAGDG
TFQKWASVVVPLGKEQYYTCHVYHQGLPEPLTLRWEPP
;
A,D
2 'polypeptide(L)'
;IQKTPQIQVYSRHPPENGKPNILNCYVTQFHPPHIEIQMLKNGKKIPKVEMSDMSFSKDWSFYILAHTEFTPTETDTYAC
RVKHDSMAEPKTVYWDRDM
;
B,E
3 'polypeptide(L)' YTAKYPNL C,F
#
# COMPACT_ATOMS: atom_id res chain seq x y z
N MET A 1 11.78 15.35 21.44
CA MET A 1 11.37 15.21 20.04
C MET A 1 12.55 14.74 19.17
N GLY A 2 13.68 14.44 19.81
CA GLY A 2 14.87 14.02 19.11
C GLY A 2 15.57 15.22 18.50
N PRO A 3 16.79 15.01 17.95
CA PRO A 3 17.48 16.14 17.34
C PRO A 3 16.87 16.44 15.99
N HIS A 4 17.27 17.54 15.37
CA HIS A 4 16.84 17.85 14.03
C HIS A 4 17.96 18.52 13.27
N SER A 5 17.77 18.70 11.97
CA SER A 5 18.82 19.21 11.12
C SER A 5 18.25 19.74 9.82
N LEU A 6 18.85 20.80 9.30
CA LEU A 6 18.50 21.36 8.01
C LEU A 6 19.80 21.51 7.24
N ARG A 7 19.93 20.76 6.14
CA ARG A 7 21.18 20.80 5.39
C ARG A 7 20.94 21.01 3.91
N TYR A 8 21.96 21.52 3.25
CA TYR A 8 21.92 21.69 1.81
C TYR A 8 23.11 21.03 1.13
N PHE A 9 22.80 20.27 0.08
CA PHE A 9 23.80 19.58 -0.70
C PHE A 9 23.86 20.28 -2.03
N VAL A 10 25.04 20.78 -2.37
CA VAL A 10 25.20 21.52 -3.59
C VAL A 10 26.22 20.86 -4.50
N THR A 11 25.88 20.78 -5.79
CA THR A 11 26.79 20.24 -6.79
C THR A 11 26.96 21.20 -7.95
N ALA A 12 28.19 21.57 -8.24
CA ALA A 12 28.48 22.32 -9.46
C ALA A 12 29.39 21.48 -10.31
N VAL A 13 28.93 21.19 -11.53
CA VAL A 13 29.68 20.35 -12.47
C VAL A 13 29.87 21.04 -13.80
N SER A 14 31.12 21.33 -14.13
CA SER A 14 31.41 21.99 -15.38
C SER A 14 31.35 20.97 -16.51
N ARG A 15 31.31 21.48 -17.74
CA ARG A 15 31.31 20.62 -18.91
C ARG A 15 31.69 21.46 -20.13
N PRO A 16 32.97 21.86 -20.21
CA PRO A 16 33.42 22.82 -21.21
C PRO A 16 32.97 22.46 -22.62
N GLY A 17 32.61 23.49 -23.38
CA GLY A 17 32.14 23.34 -24.74
C GLY A 17 30.67 22.97 -24.79
N LEU A 18 30.27 22.08 -23.89
CA LEU A 18 29.01 21.34 -24.02
C LEU A 18 27.83 22.01 -23.33
N GLY A 19 28.02 23.27 -22.94
CA GLY A 19 26.97 24.02 -22.30
C GLY A 19 27.44 24.66 -21.00
N GLU A 20 26.50 25.21 -20.24
CA GLU A 20 26.86 25.85 -18.98
C GLU A 20 26.94 24.80 -17.88
N PRO A 21 27.79 25.05 -16.88
CA PRO A 21 27.89 24.14 -15.73
C PRO A 21 26.50 23.75 -15.25
N ARG A 22 26.36 22.46 -14.92
CA ARG A 22 25.10 21.99 -14.37
C ARG A 22 25.13 22.18 -12.86
N TYR A 23 24.20 22.94 -12.33
CA TYR A 23 24.24 23.33 -10.93
C TYR A 23 22.99 22.86 -10.23
N MET A 24 23.14 22.45 -8.97
CA MET A 24 22.06 21.81 -8.28
C MET A 24 22.16 22.06 -6.80
N GLU A 25 21.02 22.32 -6.16
CA GLU A 25 20.97 22.48 -4.71
C GLU A 25 19.88 21.57 -4.19
N VAL A 26 20.18 20.82 -3.13
CA VAL A 26 19.14 20.02 -2.52
C VAL A 26 19.06 20.28 -1.03
N GLY A 27 17.84 20.48 -0.54
CA GLY A 27 17.65 20.73 0.86
C GLY A 27 17.02 19.56 1.56
N TYR A 28 17.51 19.27 2.77
CA TYR A 28 17.01 18.15 3.54
C TYR A 28 16.62 18.61 4.91
N VAL A 29 15.41 18.26 5.32
CA VAL A 29 15.04 18.39 6.72
C VAL A 29 15.04 17.01 7.36
N ASP A 30 15.87 16.84 8.38
CA ASP A 30 16.02 15.55 9.03
C ASP A 30 16.23 14.51 7.93
N ASP A 31 17.21 14.77 7.08
CA ASP A 31 17.59 13.83 6.04
C ASP A 31 16.45 13.45 5.10
N THR A 32 15.40 14.26 5.07
CA THR A 32 14.34 14.13 4.07
C THR A 32 14.45 15.27 3.08
N GLU A 33 14.86 14.97 1.85
CA GLU A 33 14.85 15.98 0.79
C GLU A 33 13.50 16.70 0.82
N PHE A 34 13.53 18.03 0.97
CA PHE A 34 12.29 18.79 0.98
C PHE A 34 12.22 19.87 -0.12
N VAL A 35 13.37 20.36 -0.57
CA VAL A 35 13.40 21.28 -1.72
C VAL A 35 14.61 20.99 -2.59
N ARG A 36 14.54 21.45 -3.84
CA ARG A 36 15.57 21.15 -4.82
C ARG A 36 15.61 22.24 -5.86
N PHE A 37 16.82 22.52 -6.37
CA PHE A 37 16.99 23.46 -7.48
C PHE A 37 17.94 22.86 -8.51
N ASP A 38 17.51 22.88 -9.76
CA ASP A 38 18.31 22.31 -10.84
C ASP A 38 18.42 23.32 -11.98
N SER A 39 19.65 23.78 -12.21
CA SER A 39 19.92 24.89 -13.13
C SER A 39 19.76 24.54 -14.60
N ASP A 40 19.41 23.29 -14.88
CA ASP A 40 19.29 22.85 -16.25
C ASP A 40 17.87 22.98 -16.75
N ALA A 41 17.47 24.21 -17.06
CA ALA A 41 16.14 24.50 -17.58
C ALA A 41 16.07 25.95 -18.04
N GLU A 42 15.10 26.25 -18.91
CA GLU A 42 14.93 27.59 -19.48
C GLU A 42 14.61 28.61 -18.41
N ASN A 43 13.78 28.18 -17.46
CA ASN A 43 13.44 29.02 -16.32
C ASN A 43 13.52 28.19 -15.04
N PRO A 44 14.74 28.05 -14.50
CA PRO A 44 14.92 27.19 -13.33
C PRO A 44 14.37 27.88 -12.09
N ARG A 45 13.73 27.11 -11.23
CA ARG A 45 13.18 27.62 -9.99
C ARG A 45 13.32 26.60 -8.86
N TYR A 46 13.35 27.08 -7.62
CA TYR A 46 13.31 26.18 -6.47
C TYR A 46 11.94 25.55 -6.41
N GLU A 47 11.90 24.29 -6.01
CA GLU A 47 10.65 23.54 -6.01
C GLU A 47 10.53 22.66 -4.78
N PRO A 48 9.31 22.55 -4.25
CA PRO A 48 9.02 21.62 -3.15
C PRO A 48 9.27 20.18 -3.58
N ARG A 49 9.87 19.39 -2.71
CA ARG A 49 10.08 17.98 -2.95
C ARG A 49 9.24 17.18 -1.95
N ALA A 50 8.69 17.90 -0.99
CA ALA A 50 7.74 17.36 -0.04
C ALA A 50 6.48 18.15 -0.28
N ARG A 51 5.35 17.46 -0.35
CA ARG A 51 4.10 18.10 -0.64
C ARG A 51 3.77 19.16 0.41
N TRP A 52 4.19 18.90 1.65
CA TRP A 52 3.93 19.83 2.75
C TRP A 52 4.71 21.15 2.67
N MET A 53 5.62 21.27 1.71
CA MET A 53 6.29 22.55 1.49
C MET A 53 5.47 23.50 0.63
N GLU A 54 4.32 23.04 0.17
CA GLU A 54 3.49 23.86 -0.70
C GLU A 54 2.67 24.90 0.05
N GLN A 55 2.83 24.95 1.38
CA GLN A 55 2.17 25.96 2.21
C GLN A 55 2.85 27.30 1.99
N GLU A 56 4.15 27.24 1.68
CA GLU A 56 4.93 28.41 1.34
C GLU A 56 4.37 29.01 0.07
N GLY A 57 4.26 30.33 0.05
CA GLY A 57 3.70 31.04 -1.08
C GLY A 57 4.77 31.52 -2.02
N PRO A 58 4.35 32.17 -3.11
CA PRO A 58 5.22 32.56 -4.22
C PRO A 58 6.43 33.38 -3.75
N GLU A 59 6.26 34.19 -2.73
CA GLU A 59 7.38 35.02 -2.29
C GLU A 59 8.50 34.14 -1.78
N TYR A 60 8.14 33.07 -1.06
CA TYR A 60 9.17 32.20 -0.53
C TYR A 60 9.98 31.62 -1.68
N TRP A 61 9.28 31.12 -2.68
CA TRP A 61 9.93 30.49 -3.81
C TRP A 61 10.76 31.48 -4.64
N GLU A 62 10.24 32.68 -4.85
CA GLU A 62 11.01 33.70 -5.56
C GLU A 62 12.35 33.96 -4.87
N ARG A 63 12.28 34.27 -3.59
CA ARG A 63 13.48 34.54 -2.81
C ARG A 63 14.50 33.38 -2.84
N GLU A 64 14.01 32.16 -2.72
CA GLU A 64 14.90 31.00 -2.77
C GLU A 64 15.51 30.86 -4.17
N THR A 65 14.66 30.93 -5.18
CA THR A 65 15.11 30.85 -6.56
C THR A 65 16.25 31.82 -6.80
N GLN A 66 16.01 33.09 -6.52
CA GLN A 66 16.99 34.12 -6.82
C GLN A 66 18.32 33.86 -6.13
N LYS A 67 18.26 33.37 -4.89
CA LYS A 67 19.48 33.01 -4.19
C LYS A 67 20.19 31.88 -4.92
N ALA A 68 19.44 30.86 -5.31
CA ALA A 68 20.04 29.73 -5.99
C ALA A 68 20.73 30.15 -7.30
N LYS A 69 20.04 30.96 -8.09
CA LYS A 69 20.60 31.44 -9.36
C LYS A 69 21.88 32.23 -9.15
N GLY A 70 21.98 32.94 -8.02
CA GLY A 70 23.16 33.73 -7.73
C GLY A 70 24.30 32.83 -7.35
N ASN A 71 24.01 31.85 -6.50
CA ASN A 71 24.94 30.78 -6.20
C ASN A 71 25.47 30.10 -7.48
N GLU A 72 24.55 29.71 -8.36
CA GLU A 72 24.95 29.01 -9.57
C GLU A 72 26.02 29.79 -10.33
N GLN A 73 25.70 31.04 -10.65
CA GLN A 73 26.63 31.90 -11.38
C GLN A 73 27.92 32.03 -10.62
N SER A 74 27.81 32.22 -9.32
CA SER A 74 28.97 32.32 -8.47
C SER A 74 29.79 31.03 -8.52
N PHE A 75 29.13 29.88 -8.48
CA PHE A 75 29.84 28.61 -8.60
C PHE A 75 30.51 28.43 -9.94
N ARG A 76 29.86 28.90 -11.00
CA ARG A 76 30.46 28.89 -12.32
C ARG A 76 31.79 29.61 -12.25
N VAL A 77 31.83 30.69 -11.48
CA VAL A 77 33.06 31.44 -11.23
C VAL A 77 34.11 30.61 -10.52
N ASP A 78 33.77 30.10 -9.35
CA ASP A 78 34.67 29.24 -8.57
C ASP A 78 35.33 28.13 -9.38
N LEU A 79 34.55 27.47 -10.22
CA LEU A 79 35.10 26.42 -11.07
C LEU A 79 36.31 26.93 -11.85
N ARG A 80 36.18 28.10 -12.47
CA ARG A 80 37.32 28.72 -13.15
C ARG A 80 38.44 29.01 -12.15
N THR A 81 38.09 29.58 -11.01
CA THR A 81 39.09 29.85 -10.01
C THR A 81 39.92 28.58 -9.78
N LEU A 82 39.26 27.44 -9.58
CA LEU A 82 39.99 26.24 -9.16
C LEU A 82 40.92 25.71 -10.23
N LEU A 83 40.51 25.84 -11.50
CA LEU A 83 41.40 25.53 -12.60
C LEU A 83 42.75 26.22 -12.41
N GLY A 84 42.70 27.50 -12.03
CA GLY A 84 43.90 28.28 -11.81
C GLY A 84 44.65 27.89 -10.56
N TYR A 85 43.95 27.81 -9.44
CA TYR A 85 44.56 27.30 -8.23
C TYR A 85 45.36 26.04 -8.53
N TYR A 86 44.74 25.11 -9.25
CA TYR A 86 45.34 23.81 -9.52
C TYR A 86 46.03 23.74 -10.86
N ASN A 87 46.07 24.85 -11.59
CA ASN A 87 46.80 24.88 -12.85
C ASN A 87 46.32 23.72 -13.73
N GLN A 88 45.04 23.76 -14.10
CA GLN A 88 44.45 22.70 -14.92
C GLN A 88 43.99 23.23 -16.28
N SER A 89 43.89 22.33 -17.26
CA SER A 89 43.35 22.69 -18.56
C SER A 89 41.98 23.32 -18.40
N LYS A 90 41.57 24.12 -19.39
CA LYS A 90 40.23 24.66 -19.43
C LYS A 90 39.30 23.58 -19.97
N GLY A 91 39.90 22.49 -20.43
CA GLY A 91 39.19 21.48 -21.19
C GLY A 91 38.36 20.49 -20.37
N GLY A 92 38.89 20.10 -19.22
CA GLY A 92 38.28 19.01 -18.47
C GLY A 92 36.99 19.34 -17.73
N SER A 93 36.26 18.28 -17.39
CA SER A 93 35.09 18.40 -16.54
C SER A 93 35.51 18.31 -15.08
N HIS A 94 34.97 19.19 -14.24
CA HIS A 94 35.27 19.20 -12.80
C HIS A 94 34.03 19.36 -11.92
N THR A 95 34.21 19.14 -10.64
CA THR A 95 33.08 19.05 -9.73
C THR A 95 33.34 19.78 -8.41
N ILE A 96 32.39 20.59 -7.97
CA ILE A 96 32.48 21.14 -6.63
C ILE A 96 31.23 20.73 -5.89
N GLN A 97 31.38 20.15 -4.70
CA GLN A 97 30.23 19.85 -3.88
C GLN A 97 30.29 20.59 -2.54
N VAL A 98 29.13 20.83 -1.95
CA VAL A 98 29.10 21.49 -0.66
C VAL A 98 28.02 20.87 0.18
N ILE A 99 28.35 20.65 1.44
CA ILE A 99 27.37 20.27 2.42
C ILE A 99 27.48 21.30 3.52
N SER A 100 26.35 21.88 3.89
CA SER A 100 26.33 22.81 4.98
C SER A 100 24.95 22.71 5.58
N GLY A 101 24.85 22.95 6.88
CA GLY A 101 23.61 22.75 7.59
C GLY A 101 23.74 22.95 9.08
N CYS A 102 22.63 22.85 9.78
CA CYS A 102 22.62 23.08 11.20
C CYS A 102 21.77 22.02 11.84
N GLU A 103 22.21 21.52 12.99
CA GLU A 103 21.46 20.49 13.70
C GLU A 103 21.15 20.96 15.12
N VAL A 104 19.90 20.81 15.51
CA VAL A 104 19.43 21.36 16.76
C VAL A 104 18.77 20.32 17.63
N GLY A 105 18.99 20.42 18.93
CA GLY A 105 18.40 19.52 19.90
C GLY A 105 16.88 19.68 19.92
N SER A 106 16.21 18.86 20.72
CA SER A 106 14.77 18.93 20.87
C SER A 106 14.32 20.19 21.60
N ASP A 107 15.27 21.07 21.91
CA ASP A 107 14.95 22.33 22.58
C ASP A 107 15.20 23.50 21.63
N GLY A 108 15.47 23.18 20.37
CA GLY A 108 15.66 24.18 19.34
C GLY A 108 16.99 24.93 19.35
N ARG A 109 17.92 24.45 20.16
CA ARG A 109 19.24 25.07 20.28
C ARG A 109 20.22 24.47 19.30
N LEU A 110 21.10 25.30 18.75
CA LEU A 110 22.14 24.78 17.84
C LEU A 110 23.00 23.73 18.54
N LEU A 111 23.08 22.56 17.94
CA LEU A 111 23.83 21.45 18.50
C LEU A 111 25.15 21.29 17.76
N ARG A 112 25.18 21.75 16.51
CA ARG A 112 26.34 21.64 15.63
C ARG A 112 26.04 22.35 14.32
N GLY A 113 27.02 23.08 13.80
CA GLY A 113 26.87 23.75 12.53
C GLY A 113 28.11 23.48 11.71
N TYR A 114 27.95 23.39 10.39
CA TYR A 114 29.04 22.90 9.55
C TYR A 114 28.95 23.33 8.10
N GLN A 115 30.10 23.34 7.44
CA GLN A 115 30.15 23.56 6.01
C GLN A 115 31.44 23.00 5.39
N GLN A 116 31.33 21.89 4.67
CA GLN A 116 32.49 21.27 4.02
C GLN A 116 32.38 21.39 2.51
N TYR A 117 33.52 21.61 1.86
CA TYR A 117 33.55 21.73 0.42
C TYR A 117 34.36 20.56 -0.07
N ALA A 118 34.12 20.16 -1.31
CA ALA A 118 34.93 19.13 -1.94
C ALA A 118 35.16 19.46 -3.41
N TYR A 119 36.39 19.30 -3.86
CA TYR A 119 36.74 19.49 -5.25
C TYR A 119 37.06 18.14 -5.88
N ASP A 120 36.37 17.83 -6.98
CA ASP A 120 36.60 16.57 -7.69
C ASP A 120 36.56 15.38 -6.73
N GLY A 121 35.54 15.37 -5.88
CA GLY A 121 35.31 14.26 -4.97
C GLY A 121 36.27 14.18 -3.80
N CYS A 122 37.14 15.18 -3.65
CA CYS A 122 38.10 15.22 -2.54
C CYS A 122 37.87 16.44 -1.62
N ASP A 123 38.08 16.24 -0.32
CA ASP A 123 37.95 17.33 0.65
C ASP A 123 38.77 18.53 0.22
N TYR A 124 38.17 19.71 0.34
CA TYR A 124 38.86 20.93 -0.06
C TYR A 124 39.01 21.87 1.13
N ILE A 125 37.90 22.14 1.80
CA ILE A 125 37.92 22.99 2.99
C ILE A 125 36.67 22.73 3.85
N ALA A 126 36.76 22.95 5.14
CA ALA A 126 35.61 22.79 6.01
C ALA A 126 35.63 23.80 7.15
N LEU A 127 34.50 23.94 7.83
CA LEU A 127 34.39 24.87 8.95
C LEU A 127 34.41 24.12 10.28
N ASN A 128 35.43 24.41 11.08
CA ASN A 128 35.60 23.77 12.39
C ASN A 128 34.34 23.89 13.25
N GLU A 129 34.22 23.00 14.23
CA GLU A 129 33.07 23.01 15.14
C GLU A 129 32.92 24.35 15.87
N ASP A 130 33.93 25.19 15.79
CA ASP A 130 33.94 26.46 16.50
C ASP A 130 33.31 27.59 15.70
N LEU A 131 32.87 27.27 14.49
CA LEU A 131 32.21 28.24 13.61
C LEU A 131 32.99 29.53 13.42
N LYS A 132 34.30 29.48 13.66
CA LYS A 132 35.12 30.69 13.56
C LYS A 132 36.35 30.50 12.69
N THR A 133 36.84 29.27 12.60
CA THR A 133 38.06 28.98 11.86
C THR A 133 37.92 27.86 10.84
N TRP A 134 38.65 28.00 9.74
CA TRP A 134 38.57 27.04 8.64
C TRP A 134 39.61 25.93 8.75
N THR A 135 39.66 25.08 7.74
CA THR A 135 40.59 23.97 7.70
C THR A 135 40.81 23.51 6.25
N ALA A 136 41.88 24.00 5.63
CA ALA A 136 42.19 23.69 4.25
C ALA A 136 42.84 22.31 4.10
N ALA A 137 42.36 21.52 3.14
CA ALA A 137 42.87 20.17 2.92
C ALA A 137 44.16 20.12 2.12
N ASP A 138 44.39 21.13 1.27
CA ASP A 138 45.58 21.16 0.44
C ASP A 138 46.05 22.59 0.22
N MET A 139 47.21 22.74 -0.40
CA MET A 139 47.77 24.06 -0.67
C MET A 139 46.74 25.00 -1.27
N ALA A 140 46.07 24.54 -2.31
CA ALA A 140 45.10 25.38 -3.01
C ALA A 140 44.02 25.90 -2.07
N ALA A 141 43.58 25.06 -1.13
CA ALA A 141 42.51 25.45 -0.22
C ALA A 141 42.91 26.58 0.74
N LEU A 142 44.21 26.90 0.81
CA LEU A 142 44.71 27.97 1.67
C LEU A 142 44.56 29.32 1.00
N ILE A 143 44.70 29.34 -0.32
CA ILE A 143 44.39 30.55 -1.05
C ILE A 143 42.97 30.99 -0.66
N THR A 144 42.05 30.04 -0.65
CA THR A 144 40.65 30.31 -0.29
C THR A 144 40.46 30.56 1.20
N LYS A 145 41.23 29.86 2.03
CA LYS A 145 41.21 30.14 3.45
C LYS A 145 41.70 31.57 3.71
N HIS A 146 42.91 31.89 3.26
CA HIS A 146 43.51 33.20 3.51
C HIS A 146 42.71 34.32 2.85
N LYS A 147 41.76 33.92 2.01
CA LYS A 147 40.91 34.86 1.29
C LYS A 147 39.62 35.11 2.07
N TRP A 148 39.14 34.07 2.73
CA TRP A 148 37.93 34.13 3.53
C TRP A 148 38.25 34.60 4.94
N GLU A 149 39.52 34.56 5.29
CA GLU A 149 39.98 35.15 6.54
C GLU A 149 40.00 36.66 6.39
N GLN A 150 40.38 37.13 5.21
CA GLN A 150 40.58 38.56 4.96
C GLN A 150 39.32 39.31 4.51
N ALA A 151 38.24 38.56 4.31
CA ALA A 151 36.93 39.16 4.08
C ALA A 151 36.01 38.73 5.22
N GLY A 152 36.62 38.18 6.27
CA GLY A 152 35.92 37.75 7.47
C GLY A 152 34.61 37.06 7.13
N GLU A 153 34.66 35.75 6.95
CA GLU A 153 33.48 35.03 6.50
C GLU A 153 33.04 33.94 7.47
N ALA A 154 33.94 33.53 8.36
CA ALA A 154 33.59 32.57 9.39
C ALA A 154 32.54 33.13 10.34
N GLU A 155 32.34 34.45 10.30
CA GLU A 155 31.36 35.10 11.17
C GLU A 155 30.02 35.23 10.47
N ARG A 156 30.07 35.83 9.29
CA ARG A 156 28.95 35.88 8.36
C ARG A 156 28.25 34.53 8.22
N LEU A 157 29.01 33.43 8.24
CA LEU A 157 28.43 32.10 8.12
C LEU A 157 27.82 31.64 9.44
N ARG A 158 28.56 31.86 10.53
CA ARG A 158 28.10 31.48 11.86
C ARG A 158 26.78 32.19 12.17
N ALA A 159 26.63 33.39 11.61
CA ALA A 159 25.38 34.11 11.75
C ALA A 159 24.27 33.23 11.18
N TYR A 160 24.39 32.86 9.92
CA TYR A 160 23.40 32.02 9.26
C TYR A 160 23.13 30.74 10.06
N LEU A 161 24.21 30.07 10.47
CA LEU A 161 24.08 28.77 11.11
C LEU A 161 23.33 28.86 12.43
N GLU A 162 23.70 29.82 13.26
CA GLU A 162 23.05 29.99 14.55
C GLU A 162 21.73 30.75 14.43
N GLY A 163 21.60 31.55 13.37
CA GLY A 163 20.46 32.44 13.18
C GLY A 163 19.45 31.97 12.15
N THR A 164 19.62 32.41 10.90
CA THR A 164 18.68 32.02 9.86
C THR A 164 18.37 30.53 9.86
N CYS A 165 19.42 29.71 9.72
CA CYS A 165 19.28 28.25 9.66
C CYS A 165 18.33 27.67 10.71
N VAL A 166 18.64 27.91 11.98
CA VAL A 166 17.86 27.38 13.09
C VAL A 166 16.41 27.86 13.05
N GLU A 167 16.23 29.14 12.68
CA GLU A 167 14.91 29.75 12.67
C GLU A 167 14.05 29.04 11.65
N TRP A 168 14.53 29.02 10.42
CA TRP A 168 13.76 28.42 9.35
C TRP A 168 13.56 26.94 9.61
N LEU A 169 14.61 26.26 10.04
CA LEU A 169 14.48 24.86 10.42
C LEU A 169 13.23 24.70 11.25
N ARG A 170 13.13 25.49 12.30
CA ARG A 170 12.00 25.41 13.22
C ARG A 170 10.69 25.59 12.48
N ARG A 171 10.66 26.51 11.51
CA ARG A 171 9.45 26.78 10.76
C ARG A 171 9.07 25.61 9.86
N TYR A 172 10.07 25.02 9.22
CA TYR A 172 9.84 23.86 8.38
C TYR A 172 9.35 22.73 9.28
N LEU A 173 9.93 22.63 10.47
CA LEU A 173 9.57 21.52 11.35
C LEU A 173 8.10 21.57 11.69
N LYS A 174 7.64 22.74 12.14
CA LYS A 174 6.22 22.97 12.40
C LYS A 174 5.35 22.36 11.30
N ASN A 175 5.69 22.65 10.05
CA ASN A 175 4.86 22.31 8.90
C ASN A 175 4.83 20.83 8.48
N GLY A 176 5.99 20.21 8.38
CA GLY A 176 6.06 18.81 7.96
C GLY A 176 6.28 17.83 9.10
N ASN A 177 6.04 18.27 10.33
CA ASN A 177 6.25 17.40 11.49
C ASN A 177 5.47 16.11 11.41
N ALA A 178 4.20 16.19 11.05
CA ALA A 178 3.35 15.01 10.96
C ALA A 178 3.99 13.99 10.03
N THR A 179 4.45 14.43 8.88
CA THR A 179 4.93 13.50 7.88
C THR A 179 6.40 13.14 8.08
N LEU A 180 7.08 13.87 8.95
CA LEU A 180 8.49 13.60 9.22
C LEU A 180 8.69 12.48 10.24
N LEU A 181 7.77 12.35 11.19
CA LEU A 181 7.84 11.32 12.20
C LEU A 181 7.46 9.96 11.62
N ARG A 182 7.07 9.96 10.35
CA ARG A 182 6.59 8.76 9.67
C ARG A 182 7.42 7.55 9.96
N THR A 183 6.76 6.44 10.18
CA THR A 183 7.47 5.19 10.37
C THR A 183 6.74 4.10 9.60
N ASP A 184 7.51 3.24 8.92
CA ASP A 184 6.95 2.05 8.31
C ASP A 184 7.66 0.79 8.78
N SER A 185 6.91 -0.13 9.36
CA SER A 185 7.47 -1.36 9.85
C SER A 185 7.88 -2.31 8.73
N PRO A 186 9.03 -2.95 8.88
CA PRO A 186 9.46 -3.98 7.93
C PRO A 186 8.45 -5.11 7.96
N LYS A 187 8.17 -5.74 6.82
CA LYS A 187 7.51 -7.05 6.80
C LYS A 187 8.65 -8.03 6.56
N ALA A 188 8.73 -9.09 7.36
CA ALA A 188 9.80 -10.07 7.16
C ALA A 188 9.33 -11.46 6.73
N HIS A 189 10.16 -12.11 5.92
CA HIS A 189 9.99 -13.51 5.62
C HIS A 189 11.35 -14.13 5.35
N VAL A 190 11.40 -15.45 5.45
CA VAL A 190 12.63 -16.18 5.22
C VAL A 190 12.48 -17.04 3.98
N THR A 191 13.48 -17.00 3.12
CA THR A 191 13.47 -17.92 1.99
C THR A 191 14.59 -18.94 2.14
N HIS A 192 14.48 -20.03 1.37
CA HIS A 192 15.31 -21.21 1.51
C HIS A 192 15.90 -21.50 0.13
N HIS A 193 17.20 -21.67 0.06
CA HIS A 193 17.85 -21.83 -1.24
C HIS A 193 18.91 -22.91 -1.17
N SER A 194 19.09 -23.62 -2.28
CA SER A 194 20.03 -24.72 -2.34
C SER A 194 21.49 -24.27 -2.32
N ARG A 195 22.35 -25.12 -1.77
CA ARG A 195 23.80 -24.98 -1.96
C ARG A 195 24.34 -26.33 -2.42
N PRO A 196 25.62 -26.38 -2.81
CA PRO A 196 26.15 -27.72 -3.08
C PRO A 196 26.18 -28.60 -1.82
N GLU A 197 26.29 -29.90 -2.01
CA GLU A 197 26.40 -30.82 -0.89
C GLU A 197 25.20 -30.73 0.06
N ASP A 198 25.51 -30.68 1.35
CA ASP A 198 24.52 -30.83 2.41
C ASP A 198 24.24 -29.52 3.13
N LYS A 199 24.51 -28.40 2.45
CA LYS A 199 24.27 -27.08 3.02
C LYS A 199 23.08 -26.40 2.32
N VAL A 200 22.42 -25.49 3.05
CA VAL A 200 21.41 -24.65 2.42
C VAL A 200 21.59 -23.22 2.91
N THR A 201 20.92 -22.30 2.24
CA THR A 201 21.05 -20.89 2.56
C THR A 201 19.69 -20.44 3.03
N LEU A 202 19.68 -19.74 4.16
CA LEU A 202 18.45 -19.16 4.66
C LEU A 202 18.59 -17.66 4.52
N ARG A 203 17.58 -17.03 3.95
CA ARG A 203 17.64 -15.60 3.67
C ARG A 203 16.49 -14.86 4.34
N CYS A 204 16.85 -13.92 5.20
CA CYS A 204 15.86 -13.20 5.96
C CYS A 204 15.61 -11.84 5.34
N TRP A 205 14.39 -11.66 4.88
CA TRP A 205 14.03 -10.48 4.11
C TRP A 205 13.32 -9.48 4.99
N ALA A 206 13.64 -8.21 4.83
CA ALA A 206 12.83 -7.12 5.38
C ALA A 206 12.44 -6.18 4.26
N LEU A 207 11.13 -5.95 4.13
CA LEU A 207 10.60 -5.15 3.04
C LEU A 207 9.67 -4.03 3.50
N GLY A 208 9.60 -2.97 2.70
CA GLY A 208 8.65 -1.88 2.93
C GLY A 208 8.82 -1.11 4.23
N PHE A 209 10.04 -0.98 4.73
CA PHE A 209 10.26 -0.25 5.96
C PHE A 209 10.78 1.13 5.68
N TYR A 210 10.53 2.06 6.61
CA TYR A 210 11.06 3.42 6.57
C TYR A 210 11.11 3.91 7.99
N PRO A 211 12.15 4.67 8.36
CA PRO A 211 13.31 5.04 7.55
C PRO A 211 14.19 3.84 7.23
N ALA A 212 15.27 4.12 6.52
CA ALA A 212 16.22 3.12 6.03
C ALA A 212 16.86 2.30 7.13
N ASP A 213 17.29 2.97 8.20
CA ASP A 213 17.98 2.33 9.31
C ASP A 213 17.29 1.04 9.80
N ILE A 214 18.02 -0.06 9.75
CA ILE A 214 17.52 -1.33 10.24
C ILE A 214 18.67 -2.24 10.64
N THR A 215 18.33 -3.31 11.35
CA THR A 215 19.32 -4.31 11.73
C THR A 215 18.65 -5.66 11.67
N LEU A 216 19.31 -6.59 10.97
CA LEU A 216 18.87 -7.97 10.88
C LEU A 216 19.96 -8.89 11.43
N THR A 217 19.59 -9.90 12.20
CA THR A 217 20.57 -10.84 12.75
C THR A 217 20.11 -12.26 12.57
N TRP A 218 21.07 -13.17 12.57
CA TRP A 218 20.78 -14.59 12.59
C TRP A 218 21.33 -15.11 13.89
N GLN A 219 20.56 -15.97 14.54
CA GLN A 219 20.99 -16.61 15.77
C GLN A 219 20.89 -18.12 15.67
N LEU A 220 21.97 -18.79 16.04
CA LEU A 220 21.95 -20.23 16.23
C LEU A 220 21.61 -20.46 17.69
N ASN A 221 20.36 -20.82 17.95
CA ASN A 221 19.86 -21.03 19.31
C ASN A 221 20.07 -19.80 20.22
N GLY A 222 19.90 -18.61 19.65
CA GLY A 222 20.14 -17.40 20.41
C GLY A 222 21.61 -17.21 20.77
N GLU A 223 22.41 -16.92 19.75
CA GLU A 223 23.78 -16.48 19.91
C GLU A 223 24.25 -16.02 18.52
N GLU A 224 24.24 -14.72 18.29
CA GLU A 224 24.31 -14.16 16.93
C GLU A 224 25.42 -14.74 16.09
N LEU A 225 25.17 -14.85 14.79
CA LEU A 225 26.14 -15.45 13.88
C LEU A 225 26.98 -14.39 13.18
N ILE A 226 27.50 -13.46 13.97
CA ILE A 226 28.40 -12.41 13.48
C ILE A 226 29.21 -12.84 12.26
N GLN A 227 29.85 -14.00 12.38
CA GLN A 227 30.77 -14.48 11.37
C GLN A 227 30.06 -14.88 10.06
N ASP A 228 30.74 -14.58 8.96
CA ASP A 228 30.30 -14.93 7.60
C ASP A 228 28.78 -14.96 7.36
N MET A 229 28.06 -14.07 8.03
CA MET A 229 26.69 -13.80 7.65
C MET A 229 26.71 -12.80 6.51
N GLU A 230 26.01 -13.10 5.43
CA GLU A 230 25.99 -12.21 4.27
C GLU A 230 24.78 -11.27 4.24
N LEU A 231 25.03 -10.03 3.82
CA LEU A 231 23.96 -9.04 3.69
C LEU A 231 24.12 -8.19 2.46
N VAL A 232 23.03 -7.61 1.97
CA VAL A 232 23.12 -6.52 1.00
C VAL A 232 22.92 -5.15 1.66
N GLU A 233 23.58 -4.15 1.13
CA GLU A 233 23.34 -2.78 1.53
C GLU A 233 21.84 -2.51 1.47
N THR A 234 21.33 -1.68 2.39
CA THR A 234 19.93 -1.28 2.38
C THR A 234 19.65 -0.54 1.08
N ARG A 235 18.50 -0.80 0.47
CA ARG A 235 18.22 -0.26 -0.87
C ARG A 235 16.79 0.28 -0.99
N PRO A 236 16.60 1.32 -1.82
CA PRO A 236 15.23 1.86 -1.95
C PRO A 236 14.36 0.91 -2.74
N ALA A 237 13.13 0.69 -2.27
CA ALA A 237 12.19 -0.09 -3.04
C ALA A 237 11.68 0.72 -4.23
N GLY A 238 11.76 2.05 -4.11
CA GLY A 238 11.34 2.95 -5.17
C GLY A 238 10.03 3.67 -4.87
N ASP A 239 9.36 3.25 -3.80
CA ASP A 239 8.05 3.81 -3.44
C ASP A 239 8.12 4.62 -2.14
N GLY A 240 9.34 4.87 -1.68
CA GLY A 240 9.55 5.62 -0.45
C GLY A 240 10.10 4.76 0.68
N THR A 241 9.94 3.43 0.57
CA THR A 241 10.43 2.51 1.58
C THR A 241 11.68 1.76 1.15
N PHE A 242 12.19 0.91 2.03
CA PHE A 242 13.47 0.23 1.80
C PHE A 242 13.41 -1.30 1.97
N GLN A 243 14.51 -1.95 1.62
CA GLN A 243 14.62 -3.40 1.63
C GLN A 243 16.00 -3.75 2.14
N LYS A 244 16.09 -4.88 2.85
CA LYS A 244 17.41 -5.42 3.17
C LYS A 244 17.27 -6.94 3.33
N TRP A 245 18.36 -7.66 3.18
CA TRP A 245 18.38 -9.05 3.60
C TRP A 245 19.70 -9.51 4.22
N ALA A 246 19.59 -10.55 5.02
CA ALA A 246 20.75 -11.18 5.62
C ALA A 246 20.58 -12.67 5.41
N SER A 247 21.67 -13.36 5.13
CA SER A 247 21.57 -14.80 4.94
C SER A 247 22.74 -15.49 5.59
N VAL A 248 22.53 -16.78 5.88
CA VAL A 248 23.60 -17.64 6.38
C VAL A 248 23.47 -19.01 5.76
N VAL A 249 24.59 -19.71 5.71
CA VAL A 249 24.62 -21.07 5.20
C VAL A 249 24.56 -22.03 6.38
N VAL A 250 23.52 -22.87 6.43
CA VAL A 250 23.33 -23.80 7.52
C VAL A 250 23.27 -25.23 6.99
N PRO A 251 23.40 -26.23 7.87
CA PRO A 251 23.36 -27.62 7.41
C PRO A 251 21.95 -28.01 6.98
N LEU A 252 21.84 -28.83 5.93
CA LEU A 252 20.54 -29.35 5.49
C LEU A 252 19.85 -30.07 6.65
N GLY A 253 18.56 -29.84 6.83
CA GLY A 253 17.85 -30.48 7.92
C GLY A 253 18.00 -29.82 9.29
N LYS A 254 18.86 -28.80 9.39
CA LYS A 254 19.09 -28.09 10.64
C LYS A 254 18.48 -26.68 10.63
N GLU A 255 17.61 -26.42 9.66
CA GLU A 255 17.06 -25.09 9.46
C GLU A 255 16.25 -24.56 10.65
N GLN A 256 15.60 -25.47 11.37
CA GLN A 256 14.76 -25.04 12.48
C GLN A 256 15.60 -24.61 13.70
N TYR A 257 16.92 -24.71 13.60
CA TYR A 257 17.77 -24.33 14.72
C TYR A 257 18.12 -22.85 14.65
N TYR A 258 17.72 -22.20 13.57
CA TYR A 258 18.12 -20.80 13.38
C TYR A 258 16.95 -19.83 13.47
N THR A 259 17.20 -18.69 14.10
CA THR A 259 16.18 -17.67 14.16
C THR A 259 16.66 -16.34 13.60
N CYS A 260 15.81 -15.70 12.83
CA CYS A 260 16.18 -14.42 12.26
C CYS A 260 15.59 -13.29 13.07
N HIS A 261 16.38 -12.24 13.31
CA HIS A 261 15.91 -11.11 14.12
C HIS A 261 15.94 -9.76 13.43
N VAL A 262 14.80 -9.10 13.45
CA VAL A 262 14.65 -7.84 12.77
C VAL A 262 14.36 -6.66 13.71
N TYR A 263 15.28 -5.69 13.76
CA TYR A 263 15.14 -4.50 14.61
C TYR A 263 14.93 -3.23 13.79
N HIS A 264 13.79 -2.59 13.97
CA HIS A 264 13.48 -1.34 13.27
C HIS A 264 12.67 -0.44 14.20
N GLN A 265 12.88 0.86 14.10
CA GLN A 265 12.22 1.78 15.02
C GLN A 265 10.70 1.75 14.90
N GLY A 266 10.18 1.19 13.82
CA GLY A 266 8.74 1.16 13.62
C GLY A 266 8.08 0.05 14.41
N LEU A 267 8.88 -0.90 14.88
CA LEU A 267 8.32 -2.10 15.50
C LEU A 267 8.04 -1.92 16.99
N PRO A 268 6.79 -2.20 17.39
CA PRO A 268 6.46 -2.23 18.82
C PRO A 268 7.51 -3.09 19.54
N GLU A 269 8.04 -4.07 18.81
CA GLU A 269 9.10 -4.96 19.29
C GLU A 269 9.71 -5.73 18.12
N PRO A 270 11.00 -6.04 18.22
CA PRO A 270 11.75 -6.69 17.12
C PRO A 270 11.05 -7.95 16.65
N LEU A 271 11.21 -8.28 15.37
CA LEU A 271 10.62 -9.48 14.83
C LEU A 271 11.57 -10.64 15.05
N THR A 272 10.97 -11.80 15.28
CA THR A 272 11.67 -13.06 15.36
C THR A 272 10.96 -13.99 14.38
N LEU A 273 11.69 -14.56 13.45
CA LEU A 273 11.07 -15.48 12.53
C LEU A 273 12.02 -16.58 12.09
N ARG A 274 11.48 -17.58 11.42
CA ARG A 274 12.23 -18.77 11.05
C ARG A 274 11.76 -19.31 9.70
N TRP A 275 12.66 -19.99 9.02
CA TRP A 275 12.28 -20.74 7.83
C TRP A 275 11.06 -21.63 8.11
N GLU A 276 9.96 -21.34 7.43
CA GLU A 276 8.76 -22.16 7.53
C GLU A 276 8.58 -23.02 6.29
N PRO A 277 8.85 -24.31 6.40
CA PRO A 277 8.55 -25.23 5.30
C PRO A 277 7.05 -25.50 5.24
N PRO A 278 6.45 -25.34 4.06
CA PRO A 278 5.10 -25.88 3.81
C PRO A 278 5.11 -27.40 3.60
N ILE B 1 40.34 11.87 -8.03
CA ILE B 1 40.17 10.43 -8.07
C ILE B 1 38.73 10.06 -8.42
N GLN B 2 38.51 8.80 -8.78
CA GLN B 2 37.19 8.31 -9.17
C GLN B 2 36.76 7.15 -8.30
N LYS B 3 35.49 7.10 -7.95
CA LYS B 3 34.94 5.97 -7.22
C LYS B 3 34.13 5.06 -8.15
N THR B 4 34.29 3.76 -7.96
CA THR B 4 33.69 2.73 -8.81
C THR B 4 32.24 2.40 -8.46
N PRO B 5 31.34 2.57 -9.42
CA PRO B 5 29.92 2.38 -9.09
C PRO B 5 29.65 1.00 -8.51
N GLN B 6 28.86 0.94 -7.46
CA GLN B 6 28.38 -0.34 -6.93
C GLN B 6 26.92 -0.46 -7.33
N ILE B 7 26.48 -1.67 -7.60
CA ILE B 7 25.19 -1.85 -8.27
C ILE B 7 24.35 -2.95 -7.63
N GLN B 8 23.05 -2.71 -7.46
CA GLN B 8 22.14 -3.78 -7.09
C GLN B 8 20.96 -3.79 -8.04
N VAL B 9 20.53 -4.98 -8.43
CA VAL B 9 19.38 -5.15 -9.30
C VAL B 9 18.36 -6.03 -8.59
N TYR B 10 17.13 -5.52 -8.48
CA TYR B 10 16.15 -6.16 -7.62
C TYR B 10 14.75 -5.60 -7.88
N SER B 11 13.75 -6.46 -7.72
CA SER B 11 12.37 -6.07 -7.92
C SER B 11 11.89 -5.25 -6.73
N ARG B 12 10.89 -4.41 -6.97
CA ARG B 12 10.27 -3.63 -5.91
C ARG B 12 9.55 -4.57 -4.94
N HIS B 13 8.82 -5.53 -5.50
CA HIS B 13 8.05 -6.50 -4.72
C HIS B 13 8.55 -7.91 -5.01
N PRO B 14 8.34 -8.84 -4.08
CA PRO B 14 8.71 -10.24 -4.35
C PRO B 14 8.06 -10.68 -5.65
N PRO B 15 8.87 -11.15 -6.58
CA PRO B 15 8.39 -11.47 -7.94
C PRO B 15 7.48 -12.69 -7.96
N GLU B 16 6.36 -12.58 -8.69
CA GLU B 16 5.60 -13.76 -9.10
C GLU B 16 5.54 -13.70 -10.61
N ASN B 17 5.84 -14.80 -11.26
CA ASN B 17 5.71 -14.87 -12.70
C ASN B 17 4.31 -14.41 -13.14
N GLY B 18 4.24 -13.67 -14.24
CA GLY B 18 2.96 -13.19 -14.74
C GLY B 18 2.43 -11.91 -14.11
N LYS B 19 2.86 -11.59 -12.90
CA LYS B 19 2.38 -10.39 -12.21
C LYS B 19 3.27 -9.16 -12.43
N PRO B 20 2.66 -8.02 -12.75
CA PRO B 20 3.43 -6.80 -12.99
C PRO B 20 4.17 -6.39 -11.74
N ASN B 21 5.37 -5.84 -11.95
CA ASN B 21 6.29 -5.51 -10.87
C ASN B 21 7.15 -4.37 -11.40
N ILE B 22 8.15 -3.97 -10.63
CA ILE B 22 9.09 -2.94 -11.04
C ILE B 22 10.49 -3.44 -10.78
N LEU B 23 11.37 -3.36 -11.77
CA LEU B 23 12.76 -3.72 -11.54
C LEU B 23 13.58 -2.47 -11.28
N ASN B 24 14.37 -2.52 -10.22
CA ASN B 24 15.24 -1.41 -9.86
C ASN B 24 16.71 -1.70 -10.15
N CYS B 25 17.43 -0.68 -10.57
CA CYS B 25 18.87 -0.73 -10.59
C CYS B 25 19.40 0.39 -9.72
N TYR B 26 19.96 0.03 -8.57
CA TYR B 26 20.41 1.03 -7.61
C TYR B 26 21.93 1.18 -7.70
N VAL B 27 22.36 2.39 -8.04
CA VAL B 27 23.76 2.61 -8.35
C VAL B 27 24.33 3.65 -7.39
N THR B 28 25.44 3.31 -6.75
CA THR B 28 25.95 4.10 -5.66
C THR B 28 27.45 4.18 -5.73
N GLN B 29 28.00 5.06 -4.88
CA GLN B 29 29.44 5.15 -4.65
C GLN B 29 30.26 5.59 -5.84
N PHE B 30 29.64 6.21 -6.85
CA PHE B 30 30.41 6.63 -8.03
C PHE B 30 30.81 8.11 -8.00
N HIS B 31 31.83 8.45 -8.79
CA HIS B 31 32.33 9.82 -8.89
C HIS B 31 33.41 9.78 -9.96
N PRO B 32 33.35 10.69 -10.96
CA PRO B 32 32.45 11.84 -11.11
C PRO B 32 31.01 11.45 -11.43
N PRO B 33 30.09 12.42 -11.38
CA PRO B 33 28.64 12.18 -11.43
C PRO B 33 28.07 11.75 -12.78
N HIS B 34 28.78 11.99 -13.88
CA HIS B 34 28.29 11.53 -15.18
C HIS B 34 28.30 10.01 -15.22
N ILE B 35 27.17 9.42 -15.59
CA ILE B 35 27.09 7.97 -15.60
C ILE B 35 26.03 7.55 -16.60
N GLU B 36 26.20 6.36 -17.21
CA GLU B 36 25.22 5.87 -18.16
C GLU B 36 24.71 4.50 -17.73
N ILE B 37 23.39 4.43 -17.53
CA ILE B 37 22.75 3.24 -17.04
C ILE B 37 21.69 2.77 -18.01
N GLN B 38 21.79 1.51 -18.44
CA GLN B 38 20.77 0.87 -19.24
C GLN B 38 20.29 -0.35 -18.50
N MET B 39 19.03 -0.68 -18.68
CA MET B 39 18.55 -1.95 -18.21
C MET B 39 18.24 -2.77 -19.44
N LEU B 40 18.67 -4.04 -19.42
CA LEU B 40 18.53 -4.94 -20.56
C LEU B 40 17.60 -6.10 -20.24
N LYS B 41 16.76 -6.44 -21.21
CA LYS B 41 15.92 -7.62 -21.13
C LYS B 41 16.35 -8.60 -22.21
N ASN B 42 16.78 -9.78 -21.78
CA ASN B 42 17.21 -10.80 -22.72
C ASN B 42 18.28 -10.31 -23.69
N GLY B 43 19.19 -9.49 -23.18
CA GLY B 43 20.31 -8.98 -23.93
C GLY B 43 20.03 -7.73 -24.75
N LYS B 44 18.77 -7.28 -24.75
N LYS B 44 18.78 -7.27 -24.73
CA LYS B 44 18.41 -6.10 -25.53
CA LYS B 44 18.41 -6.11 -25.54
C LYS B 44 17.94 -4.96 -24.62
C LYS B 44 17.86 -4.94 -24.70
N LYS B 45 18.44 -3.76 -24.90
CA LYS B 45 18.12 -2.57 -24.10
C LYS B 45 16.63 -2.34 -23.91
N ILE B 46 16.23 -2.01 -22.69
CA ILE B 46 14.85 -1.62 -22.44
C ILE B 46 14.62 -0.14 -22.77
N PRO B 47 13.61 0.15 -23.60
CA PRO B 47 13.34 1.52 -24.02
C PRO B 47 12.96 2.44 -22.86
N LYS B 48 11.83 2.19 -22.22
CA LYS B 48 11.34 3.12 -21.19
C LYS B 48 11.88 2.83 -19.78
N VAL B 49 12.97 3.52 -19.43
CA VAL B 49 13.57 3.41 -18.11
C VAL B 49 13.60 4.77 -17.41
N GLU B 50 12.91 4.87 -16.28
CA GLU B 50 12.90 6.11 -15.51
C GLU B 50 14.04 6.13 -14.52
N MET B 51 14.49 7.34 -14.19
CA MET B 51 15.61 7.50 -13.31
C MET B 51 15.35 8.58 -12.29
N SER B 52 15.66 8.29 -11.03
CA SER B 52 15.48 9.26 -9.98
C SER B 52 16.45 10.40 -10.25
N ASP B 53 16.23 11.54 -9.59
CA ASP B 53 17.23 12.59 -9.54
C ASP B 53 18.47 12.07 -8.87
N MET B 54 19.62 12.62 -9.21
CA MET B 54 20.84 12.20 -8.56
C MET B 54 20.98 12.92 -7.22
N SER B 55 21.70 12.27 -6.31
CA SER B 55 21.98 12.81 -5.00
C SER B 55 23.39 12.38 -4.66
N PHE B 56 23.96 12.88 -3.57
CA PHE B 56 25.27 12.38 -3.16
C PHE B 56 25.38 12.18 -1.65
N SER B 57 26.37 11.42 -1.25
CA SER B 57 26.44 10.95 0.12
C SER B 57 27.44 11.76 0.94
N LYS B 58 27.46 11.55 2.25
CA LYS B 58 28.35 12.33 3.11
C LYS B 58 29.83 12.15 2.73
N ASP B 59 30.16 11.08 2.02
CA ASP B 59 31.51 10.91 1.46
C ASP B 59 31.65 11.44 0.02
N TRP B 60 30.71 12.29 -0.41
CA TRP B 60 30.78 12.93 -1.73
C TRP B 60 30.34 12.05 -2.89
N SER B 61 30.16 10.76 -2.68
CA SER B 61 29.79 9.86 -3.79
C SER B 61 28.32 10.00 -4.19
N PHE B 62 28.05 9.95 -5.48
CA PHE B 62 26.69 10.08 -5.98
C PHE B 62 25.96 8.74 -5.96
N TYR B 63 24.64 8.80 -6.01
CA TYR B 63 23.82 7.61 -6.12
C TYR B 63 22.56 7.97 -6.86
N ILE B 64 21.97 6.99 -7.50
CA ILE B 64 20.84 7.22 -8.38
C ILE B 64 20.09 5.92 -8.52
N LEU B 65 18.78 6.00 -8.60
CA LEU B 65 17.95 4.81 -8.82
C LEU B 65 17.29 4.80 -10.22
N ALA B 66 17.65 3.82 -11.04
CA ALA B 66 16.96 3.61 -12.30
C ALA B 66 15.90 2.54 -12.13
N HIS B 67 14.77 2.67 -12.81
CA HIS B 67 13.76 1.63 -12.76
C HIS B 67 12.89 1.50 -14.00
N THR B 68 12.24 0.37 -14.13
CA THR B 68 11.39 0.09 -15.27
C THR B 68 10.33 -0.89 -14.80
N GLU B 69 9.17 -0.87 -15.45
CA GLU B 69 8.13 -1.82 -15.12
C GLU B 69 8.47 -3.11 -15.85
N PHE B 70 8.05 -4.22 -15.28
CA PHE B 70 8.24 -5.52 -15.93
C PHE B 70 7.35 -6.56 -15.31
N THR B 71 7.21 -7.65 -16.04
CA THR B 71 6.40 -8.76 -15.62
C THR B 71 7.29 -9.97 -15.78
N PRO B 72 7.77 -10.52 -14.65
CA PRO B 72 8.74 -11.60 -14.65
C PRO B 72 8.14 -12.89 -15.18
N THR B 73 8.95 -13.68 -15.87
CA THR B 73 8.59 -15.04 -16.23
C THR B 73 9.70 -15.91 -15.72
N GLU B 74 9.52 -17.22 -15.81
CA GLU B 74 10.55 -18.14 -15.35
C GLU B 74 11.85 -17.98 -16.15
N THR B 75 11.76 -17.66 -17.44
CA THR B 75 12.95 -17.71 -18.30
C THR B 75 13.54 -16.37 -18.76
N ASP B 76 12.84 -15.26 -18.57
CA ASP B 76 13.41 -13.97 -18.97
C ASP B 76 14.58 -13.62 -18.08
N THR B 77 15.67 -13.20 -18.70
CA THR B 77 16.82 -12.67 -17.99
C THR B 77 16.78 -11.13 -18.03
N TYR B 78 16.93 -10.47 -16.88
CA TYR B 78 17.08 -9.01 -16.85
C TYR B 78 18.43 -8.62 -16.26
N ALA B 79 18.99 -7.50 -16.69
CA ALA B 79 20.26 -7.05 -16.15
C ALA B 79 20.28 -5.54 -16.17
N CYS B 80 21.29 -4.97 -15.52
CA CYS B 80 21.45 -3.52 -15.52
C CYS B 80 22.88 -3.21 -15.90
N ARG B 81 23.07 -2.31 -16.85
CA ARG B 81 24.40 -2.04 -17.35
C ARG B 81 24.82 -0.60 -17.09
N VAL B 82 26.02 -0.45 -16.56
CA VAL B 82 26.51 0.83 -16.14
C VAL B 82 27.86 1.08 -16.74
N LYS B 83 27.92 2.17 -17.49
CA LYS B 83 29.17 2.67 -18.04
C LYS B 83 29.63 3.87 -17.21
N HIS B 84 30.90 3.87 -16.82
CA HIS B 84 31.40 4.94 -16.00
C HIS B 84 32.90 5.03 -16.08
N ASP B 85 33.35 6.28 -16.10
CA ASP B 85 34.73 6.64 -16.34
C ASP B 85 35.70 5.85 -15.47
N SER B 86 35.27 5.50 -14.26
CA SER B 86 36.16 4.80 -13.35
C SER B 86 36.41 3.37 -13.78
N MET B 87 35.62 2.88 -14.74
CA MET B 87 35.68 1.48 -15.15
C MET B 87 36.01 1.32 -16.61
N ALA B 88 37.11 0.64 -16.89
CA ALA B 88 37.54 0.36 -18.26
C ALA B 88 36.42 -0.13 -19.19
N GLU B 89 35.46 -0.87 -18.66
CA GLU B 89 34.34 -1.37 -19.48
C GLU B 89 33.02 -1.28 -18.74
N PRO B 90 31.89 -1.28 -19.47
CA PRO B 90 30.60 -1.25 -18.77
C PRO B 90 30.34 -2.50 -17.94
N LYS B 91 29.99 -2.30 -16.67
CA LYS B 91 29.66 -3.39 -15.77
C LYS B 91 28.18 -3.78 -15.87
N THR B 92 27.90 -5.07 -16.02
CA THR B 92 26.53 -5.59 -16.09
C THR B 92 26.23 -6.45 -14.88
N VAL B 93 25.09 -6.22 -14.26
CA VAL B 93 24.71 -7.02 -13.10
C VAL B 93 23.38 -7.65 -13.38
N TYR B 94 23.33 -8.98 -13.34
CA TYR B 94 22.12 -9.71 -13.68
C TYR B 94 21.16 -9.74 -12.50
N TRP B 95 19.86 -9.76 -12.81
CA TRP B 95 18.84 -9.88 -11.78
C TRP B 95 18.76 -11.34 -11.33
N ASP B 96 18.84 -11.55 -10.02
CA ASP B 96 18.71 -12.89 -9.44
C ASP B 96 17.53 -12.82 -8.49
N ARG B 97 16.46 -13.56 -8.76
CA ARG B 97 15.23 -13.38 -8.01
C ARG B 97 15.36 -13.83 -6.56
N ASP B 98 16.45 -14.53 -6.24
CA ASP B 98 16.74 -14.89 -4.87
C ASP B 98 17.56 -13.85 -4.10
N MET B 99 18.02 -12.80 -4.78
CA MET B 99 18.78 -11.76 -4.08
C MET B 99 18.08 -10.41 -4.16
N TYR C 1 -28.25 9.28 6.08
CA TYR C 1 -27.77 10.60 5.70
C TYR C 1 -26.32 10.48 5.30
N THR C 2 -26.05 10.55 4.00
CA THR C 2 -24.71 10.30 3.53
C THR C 2 -23.80 11.47 3.86
N ALA C 3 -22.50 11.22 3.88
CA ALA C 3 -21.52 12.27 4.15
C ALA C 3 -21.07 12.95 2.86
N LYS C 4 -20.27 13.99 3.01
CA LYS C 4 -19.59 14.63 1.88
C LYS C 4 -18.10 14.29 2.01
N TYR C 5 -17.49 13.77 0.97
CA TYR C 5 -16.13 13.33 1.17
C TYR C 5 -15.14 14.36 0.69
N PRO C 6 -14.13 14.62 1.53
CA PRO C 6 -13.06 15.54 1.19
C PRO C 6 -12.25 14.91 0.05
N ASN C 7 -11.51 15.71 -0.71
CA ASN C 7 -10.61 15.12 -1.68
C ASN C 7 -9.43 14.48 -1.00
N LEU C 8 -8.91 13.41 -1.60
CA LEU C 8 -7.70 12.77 -1.13
C LEU C 8 -6.49 13.57 -1.59
N GLY D 2 -30.38 -3.14 22.25
CA GLY D 2 -29.21 -3.62 21.52
C GLY D 2 -28.52 -2.51 20.77
N PRO D 3 -27.30 -2.77 20.27
CA PRO D 3 -26.51 -1.78 19.51
C PRO D 3 -27.07 -1.55 18.10
N HIS D 4 -26.79 -0.39 17.51
CA HIS D 4 -27.26 -0.03 16.17
C HIS D 4 -26.18 0.72 15.37
N SER D 5 -26.32 0.73 14.04
CA SER D 5 -25.27 1.27 13.15
C SER D 5 -25.80 1.83 11.82
N LEU D 6 -25.22 2.95 11.41
CA LEU D 6 -25.46 3.49 10.08
C LEU D 6 -24.13 3.46 9.35
N ARG D 7 -24.06 2.69 8.28
CA ARG D 7 -22.81 2.51 7.54
C ARG D 7 -23.02 2.79 6.08
N TYR D 8 -22.09 3.52 5.48
CA TYR D 8 -22.09 3.66 4.04
C TYR D 8 -20.86 2.96 3.46
N PHE D 9 -21.10 2.18 2.41
CA PHE D 9 -20.08 1.50 1.64
C PHE D 9 -20.00 2.13 0.24
N VAL D 10 -18.81 2.57 -0.14
CA VAL D 10 -18.64 3.37 -1.36
C VAL D 10 -17.60 2.79 -2.30
N THR D 11 -17.91 2.79 -3.59
CA THR D 11 -16.94 2.33 -4.58
C THR D 11 -16.79 3.26 -5.78
N ALA D 12 -15.54 3.52 -6.14
CA ALA D 12 -15.26 4.25 -7.36
C ALA D 12 -14.26 3.42 -8.13
N VAL D 13 -14.67 2.98 -9.30
CA VAL D 13 -13.86 2.13 -10.17
C VAL D 13 -13.60 2.88 -11.46
N SER D 14 -12.33 3.12 -11.76
CA SER D 14 -12.00 3.76 -13.01
C SER D 14 -12.04 2.70 -14.10
N ARG D 15 -12.34 3.14 -15.32
CA ARG D 15 -12.26 2.25 -16.46
C ARG D 15 -11.80 3.01 -17.71
N PRO D 16 -10.49 3.30 -17.80
CA PRO D 16 -9.92 4.11 -18.88
C PRO D 16 -10.34 3.59 -20.24
N GLY D 17 -10.95 4.46 -21.06
CA GLY D 17 -11.48 4.04 -22.34
C GLY D 17 -12.68 3.11 -22.22
N LEU D 18 -13.61 3.46 -21.33
CA LEU D 18 -14.87 2.76 -21.23
C LEU D 18 -15.92 3.77 -20.80
N GLY D 19 -15.46 4.95 -20.41
CA GLY D 19 -16.32 5.99 -19.88
C GLY D 19 -15.83 6.51 -18.54
N GLU D 20 -16.75 7.07 -17.78
CA GLU D 20 -16.39 7.62 -16.48
C GLU D 20 -16.30 6.51 -15.44
N PRO D 21 -15.55 6.76 -14.36
CA PRO D 21 -15.52 5.78 -13.28
C PRO D 21 -16.94 5.44 -12.83
N ARG D 22 -17.20 4.17 -12.56
CA ARG D 22 -18.51 3.77 -12.10
C ARG D 22 -18.46 3.99 -10.61
N TYR D 23 -19.52 4.60 -10.08
CA TYR D 23 -19.56 5.00 -8.69
C TYR D 23 -20.78 4.43 -8.02
N MET D 24 -20.62 3.95 -6.79
CA MET D 24 -21.68 3.22 -6.10
C MET D 24 -21.65 3.61 -4.63
N GLU D 25 -22.83 3.86 -4.06
CA GLU D 25 -22.96 4.11 -2.63
C GLU D 25 -24.06 3.23 -2.07
N VAL D 26 -23.73 2.44 -1.06
CA VAL D 26 -24.73 1.63 -0.39
C VAL D 26 -24.79 1.99 1.09
N GLY D 27 -26.00 2.30 1.55
CA GLY D 27 -26.22 2.61 2.96
C GLY D 27 -26.75 1.39 3.70
N TYR D 28 -26.43 1.30 4.98
CA TYR D 28 -26.82 0.15 5.76
C TYR D 28 -27.29 0.59 7.12
N VAL D 29 -28.53 0.23 7.46
CA VAL D 29 -29.01 0.36 8.82
C VAL D 29 -28.94 -1.00 9.50
N ASP D 30 -28.19 -1.08 10.60
CA ASP D 30 -28.02 -2.31 11.33
C ASP D 30 -27.64 -3.41 10.36
N ASP D 31 -26.60 -3.14 9.57
CA ASP D 31 -26.06 -4.12 8.63
C ASP D 31 -27.12 -4.59 7.64
N THR D 32 -28.08 -3.71 7.35
CA THR D 32 -29.11 -3.97 6.33
C THR D 32 -29.12 -2.87 5.26
N GLU D 33 -29.00 -3.26 3.99
CA GLU D 33 -29.02 -2.29 2.90
C GLU D 33 -30.37 -1.57 2.89
N PHE D 34 -30.36 -0.25 2.88
CA PHE D 34 -31.61 0.51 2.92
C PHE D 34 -31.65 1.64 1.89
N VAL D 35 -30.50 2.01 1.33
CA VAL D 35 -30.46 2.96 0.21
C VAL D 35 -29.29 2.65 -0.71
N ARG D 36 -29.42 3.07 -1.96
CA ARG D 36 -28.35 2.83 -2.92
C ARG D 36 -28.34 3.91 -3.99
N PHE D 37 -27.13 4.25 -4.43
CA PHE D 37 -26.93 5.18 -5.53
C PHE D 37 -25.99 4.57 -6.57
N ASP D 38 -26.40 4.60 -7.83
CA ASP D 38 -25.62 3.97 -8.88
C ASP D 38 -25.37 4.93 -10.02
N SER D 39 -24.10 5.31 -10.22
CA SER D 39 -23.74 6.31 -11.23
C SER D 39 -24.04 5.84 -12.63
N ASP D 40 -24.29 4.54 -12.77
CA ASP D 40 -24.50 3.96 -14.09
C ASP D 40 -25.89 4.26 -14.66
N ALA D 41 -26.18 5.54 -14.92
CA ALA D 41 -27.51 5.92 -15.39
C ALA D 41 -27.55 7.31 -16.04
N GLU D 42 -28.59 7.53 -16.84
CA GLU D 42 -28.77 8.81 -17.52
C GLU D 42 -29.09 9.87 -16.48
N ASN D 43 -29.98 9.52 -15.56
CA ASN D 43 -30.20 10.33 -14.38
C ASN D 43 -30.18 9.46 -13.13
N PRO D 44 -29.00 9.35 -12.51
CA PRO D 44 -28.79 8.52 -11.32
C PRO D 44 -29.47 9.18 -10.13
N ARG D 45 -30.00 8.36 -9.23
CA ARG D 45 -30.74 8.84 -8.08
C ARG D 45 -30.55 7.91 -6.90
N TYR D 46 -30.44 8.47 -5.70
CA TYR D 46 -30.50 7.63 -4.53
C TYR D 46 -31.87 6.95 -4.50
N GLU D 47 -31.88 5.64 -4.30
CA GLU D 47 -33.12 4.84 -4.30
C GLU D 47 -33.34 4.18 -2.93
N PRO D 48 -34.59 3.86 -2.62
CA PRO D 48 -34.86 3.07 -1.41
C PRO D 48 -34.47 1.64 -1.67
N ARG D 49 -34.00 0.95 -0.64
CA ARG D 49 -33.60 -0.43 -0.80
C ARG D 49 -34.30 -1.23 0.28
N ALA D 50 -35.25 -0.58 0.91
CA ALA D 50 -36.08 -1.16 1.94
C ALA D 50 -37.36 -0.34 1.87
N ARG D 51 -38.50 -0.99 2.01
CA ARG D 51 -39.78 -0.33 1.78
C ARG D 51 -40.05 0.75 2.83
N TRP D 52 -39.55 0.53 4.04
CA TRP D 52 -39.77 1.48 5.11
C TRP D 52 -39.08 2.81 4.86
N MET D 53 -38.31 2.90 3.77
CA MET D 53 -37.67 4.18 3.42
C MET D 53 -38.53 4.97 2.45
N GLU D 54 -39.55 4.31 1.89
CA GLU D 54 -40.41 4.96 0.92
C GLU D 54 -41.19 6.16 1.48
N GLN D 55 -41.24 6.30 2.79
CA GLN D 55 -41.98 7.41 3.41
C GLN D 55 -41.19 8.71 3.43
N GLU D 56 -39.87 8.62 3.29
CA GLU D 56 -39.08 9.83 3.14
C GLU D 56 -39.62 10.60 1.94
N GLY D 57 -39.78 11.91 2.09
CA GLY D 57 -40.32 12.73 1.03
C GLY D 57 -39.31 12.98 -0.07
N PRO D 58 -39.75 13.65 -1.15
CA PRO D 58 -38.84 13.94 -2.26
C PRO D 58 -37.62 14.70 -1.75
N GLU D 59 -37.85 15.75 -0.98
CA GLU D 59 -36.75 16.59 -0.46
C GLU D 59 -35.63 15.78 0.17
N TYR D 60 -35.97 14.61 0.72
CA TYR D 60 -34.95 13.73 1.25
C TYR D 60 -34.13 13.14 0.12
N TRP D 61 -34.82 12.52 -0.82
CA TRP D 61 -34.16 11.88 -1.94
C TRP D 61 -33.35 12.86 -2.75
N GLU D 62 -33.95 14.00 -3.08
CA GLU D 62 -33.27 15.04 -3.82
C GLU D 62 -31.96 15.41 -3.12
N ARG D 63 -32.05 15.74 -1.84
CA ARG D 63 -30.88 16.12 -1.06
C ARG D 63 -29.77 15.06 -1.10
N GLU D 64 -30.13 13.80 -0.93
CA GLU D 64 -29.13 12.75 -0.91
C GLU D 64 -28.52 12.61 -2.32
N THR D 65 -29.38 12.52 -3.31
CA THR D 65 -28.95 12.38 -4.70
C THR D 65 -27.86 13.39 -5.02
N GLN D 66 -28.10 14.66 -4.70
CA GLN D 66 -27.13 15.68 -5.06
C GLN D 66 -25.80 15.50 -4.31
N LYS D 67 -25.86 15.04 -3.07
CA LYS D 67 -24.66 14.73 -2.34
C LYS D 67 -23.88 13.61 -3.05
N ALA D 68 -24.58 12.53 -3.40
CA ALA D 68 -23.92 11.44 -4.08
C ALA D 68 -23.21 11.93 -5.35
N LYS D 69 -23.90 12.71 -6.18
CA LYS D 69 -23.32 13.18 -7.46
C LYS D 69 -22.05 13.97 -7.21
N GLY D 70 -22.03 14.77 -6.14
CA GLY D 70 -20.86 15.56 -5.79
C GLY D 70 -19.73 14.68 -5.34
N ASN D 71 -20.06 13.73 -4.48
CA ASN D 71 -19.15 12.65 -4.12
C ASN D 71 -18.56 11.91 -5.31
N GLU D 72 -19.42 11.57 -6.27
CA GLU D 72 -18.96 10.78 -7.40
C GLU D 72 -17.86 11.56 -8.08
N GLN D 73 -18.14 12.82 -8.37
CA GLN D 73 -17.21 13.67 -9.10
C GLN D 73 -15.95 13.89 -8.28
N SER D 74 -16.13 14.04 -6.97
CA SER D 74 -14.99 14.22 -6.10
C SER D 74 -14.08 12.99 -6.14
N PHE D 75 -14.67 11.81 -6.17
CA PHE D 75 -13.87 10.59 -6.26
C PHE D 75 -13.20 10.50 -7.63
N ARG D 76 -13.90 10.95 -8.67
CA ARG D 76 -13.32 10.98 -10.01
C ARG D 76 -11.99 11.75 -9.99
N VAL D 77 -11.98 12.89 -9.32
CA VAL D 77 -10.73 13.63 -9.11
C VAL D 77 -9.71 12.82 -8.28
N ASP D 78 -10.17 12.22 -7.18
CA ASP D 78 -9.32 11.38 -6.35
C ASP D 78 -8.64 10.22 -7.11
N LEU D 79 -9.40 9.46 -7.89
CA LEU D 79 -8.78 8.39 -8.67
C LEU D 79 -7.61 8.95 -9.48
N ARG D 80 -7.81 10.13 -10.07
CA ARG D 80 -6.72 10.76 -10.82
C ARG D 80 -5.60 11.20 -9.88
N THR D 81 -5.97 11.72 -8.71
CA THR D 81 -4.94 12.15 -7.79
C THR D 81 -4.02 10.98 -7.44
N LEU D 82 -4.60 9.83 -7.14
CA LEU D 82 -3.79 8.70 -6.69
C LEU D 82 -2.84 8.19 -7.75
N LEU D 83 -3.26 8.20 -9.01
CA LEU D 83 -2.31 7.88 -10.08
C LEU D 83 -1.00 8.62 -9.86
N GLY D 84 -1.12 9.88 -9.43
CA GLY D 84 0.04 10.71 -9.19
C GLY D 84 0.79 10.32 -7.93
N TYR D 85 0.06 10.19 -6.82
CA TYR D 85 0.68 9.83 -5.55
C TYR D 85 1.54 8.58 -5.73
N TYR D 86 1.09 7.70 -6.61
CA TYR D 86 1.78 6.41 -6.79
C TYR D 86 2.61 6.36 -8.06
N ASN D 87 2.57 7.44 -8.83
CA ASN D 87 3.27 7.50 -10.09
C ASN D 87 2.90 6.30 -10.93
N GLN D 88 1.60 6.11 -11.12
CA GLN D 88 1.07 4.98 -11.87
C GLN D 88 0.61 5.44 -13.24
N SER D 89 0.46 4.50 -14.16
CA SER D 89 0.07 4.84 -15.54
C SER D 89 -1.38 5.30 -15.62
N LYS D 90 -1.69 6.03 -16.69
CA LYS D 90 -3.05 6.50 -16.93
C LYS D 90 -3.98 5.42 -17.45
N GLY D 91 -3.42 4.26 -17.80
CA GLY D 91 -4.14 3.29 -18.59
C GLY D 91 -4.87 2.14 -17.90
N GLY D 92 -4.62 1.93 -16.61
CA GLY D 92 -5.17 0.80 -15.89
C GLY D 92 -6.37 1.11 -15.00
N SER D 93 -7.19 0.10 -14.76
CA SER D 93 -8.35 0.20 -13.88
C SER D 93 -7.91 0.29 -12.42
N HIS D 94 -8.59 1.12 -11.62
CA HIS D 94 -8.28 1.23 -10.20
C HIS D 94 -9.52 1.42 -9.33
N THR D 95 -9.40 1.03 -8.08
CA THR D 95 -10.54 1.04 -7.17
C THR D 95 -10.26 1.86 -5.90
N ILE D 96 -11.17 2.76 -5.58
CA ILE D 96 -11.21 3.34 -4.25
C ILE D 96 -12.46 2.85 -3.56
N GLN D 97 -12.29 2.38 -2.33
CA GLN D 97 -13.43 1.95 -1.55
C GLN D 97 -13.45 2.65 -0.21
N VAL D 98 -14.64 2.99 0.26
CA VAL D 98 -14.75 3.61 1.56
C VAL D 98 -15.81 2.92 2.39
N ILE D 99 -15.58 2.91 3.69
CA ILE D 99 -16.56 2.45 4.66
C ILE D 99 -16.56 3.51 5.74
N SER D 100 -17.71 4.13 5.94
CA SER D 100 -17.84 5.07 7.03
C SER D 100 -19.17 4.82 7.69
N GLY D 101 -19.28 5.21 8.95
CA GLY D 101 -20.51 5.01 9.67
C GLY D 101 -20.32 5.21 11.15
N CYS D 102 -21.43 5.12 11.86
CA CYS D 102 -21.42 5.28 13.30
C CYS D 102 -22.09 4.07 13.89
N GLU D 103 -21.50 3.52 14.93
CA GLU D 103 -22.21 2.50 15.69
C GLU D 103 -22.53 3.06 17.07
N VAL D 104 -23.79 2.91 17.47
CA VAL D 104 -24.23 3.49 18.74
C VAL D 104 -24.84 2.45 19.69
N GLY D 105 -24.48 2.56 20.96
CA GLY D 105 -24.95 1.63 21.97
C GLY D 105 -26.44 1.74 22.19
N SER D 106 -26.94 0.97 23.16
CA SER D 106 -28.37 0.96 23.46
C SER D 106 -28.75 2.20 24.26
N ASP D 107 -27.74 2.87 24.80
CA ASP D 107 -27.95 4.11 25.53
C ASP D 107 -27.90 5.33 24.61
N GLY D 108 -27.82 5.09 23.31
CA GLY D 108 -27.76 6.19 22.36
C GLY D 108 -26.38 6.78 22.17
N ARG D 109 -25.39 6.33 22.96
CA ARG D 109 -24.07 6.93 22.86
C ARG D 109 -23.29 6.36 21.69
N LEU D 110 -22.33 7.14 21.19
CA LEU D 110 -21.50 6.71 20.07
C LEU D 110 -20.52 5.65 20.53
N LEU D 111 -20.74 4.43 20.06
CA LEU D 111 -19.93 3.32 20.47
C LEU D 111 -18.67 3.30 19.62
N ARG D 112 -18.78 3.76 18.38
CA ARG D 112 -17.62 3.84 17.50
C ARG D 112 -17.96 4.56 16.20
N GLY D 113 -17.11 5.51 15.84
CA GLY D 113 -17.24 6.24 14.61
C GLY D 113 -16.03 5.93 13.77
N TYR D 114 -16.23 5.65 12.49
CA TYR D 114 -15.12 5.21 11.66
C TYR D 114 -15.26 5.66 10.21
N GLN D 115 -14.12 5.89 9.59
CA GLN D 115 -14.06 6.17 8.17
C GLN D 115 -12.71 5.69 7.67
N GLN D 116 -12.75 4.62 6.87
CA GLN D 116 -11.53 4.02 6.36
C GLN D 116 -11.60 3.84 4.84
N TYR D 117 -10.46 4.08 4.18
CA TYR D 117 -10.36 4.05 2.72
C TYR D 117 -9.47 2.93 2.30
N ALA D 118 -9.72 2.41 1.10
CA ALA D 118 -8.81 1.44 0.52
C ALA D 118 -8.58 1.80 -0.93
N TYR D 119 -7.38 1.50 -1.42
CA TYR D 119 -7.06 1.71 -2.81
C TYR D 119 -6.57 0.38 -3.36
N ASP D 120 -7.16 -0.05 -4.47
CA ASP D 120 -6.86 -1.34 -5.06
C ASP D 120 -6.89 -2.48 -4.02
N GLY D 121 -7.83 -2.39 -3.09
CA GLY D 121 -8.07 -3.50 -2.17
C GLY D 121 -7.16 -3.56 -0.96
N CYS D 122 -6.26 -2.60 -0.85
CA CYS D 122 -5.41 -2.48 0.34
C CYS D 122 -5.71 -1.22 1.16
N ASP D 123 -5.67 -1.35 2.49
CA ASP D 123 -5.91 -0.23 3.39
C ASP D 123 -5.07 0.96 2.99
N TYR D 124 -5.70 2.13 2.98
CA TYR D 124 -5.03 3.36 2.60
C TYR D 124 -4.93 4.33 3.77
N ILE D 125 -6.07 4.68 4.35
CA ILE D 125 -6.10 5.61 5.47
C ILE D 125 -7.35 5.36 6.32
N ALA D 126 -7.33 5.81 7.58
CA ALA D 126 -8.45 5.52 8.48
C ALA D 126 -8.47 6.50 9.63
N LEU D 127 -9.67 6.91 10.04
CA LEU D 127 -9.84 7.81 11.18
C LEU D 127 -9.76 6.97 12.43
N ASN D 128 -8.95 7.43 13.37
CA ASN D 128 -8.63 6.61 14.54
C ASN D 128 -9.72 6.62 15.60
N GLU D 129 -9.65 5.67 16.52
CA GLU D 129 -10.69 5.50 17.50
C GLU D 129 -11.04 6.81 18.17
N ASP D 130 -10.06 7.70 18.23
CA ASP D 130 -10.21 8.95 18.94
C ASP D 130 -11.05 10.00 18.23
N LEU D 131 -11.22 9.84 16.91
CA LEU D 131 -12.00 10.78 16.11
C LEU D 131 -11.29 12.11 15.83
N LYS D 132 -9.97 12.13 15.96
CA LYS D 132 -9.19 13.34 15.67
C LYS D 132 -7.90 13.09 14.89
N THR D 133 -7.49 11.83 14.77
CA THR D 133 -6.25 11.53 14.06
C THR D 133 -6.39 10.35 13.09
N TRP D 134 -5.50 10.28 12.11
CA TRP D 134 -5.57 9.26 11.07
C TRP D 134 -4.42 8.26 11.08
N THR D 135 -4.71 7.01 10.70
CA THR D 135 -3.65 6.05 10.39
C THR D 135 -3.37 6.06 8.88
N ALA D 136 -2.17 6.50 8.51
CA ALA D 136 -1.77 6.51 7.11
C ALA D 136 -1.07 5.20 6.79
N ALA D 137 -1.73 4.35 6.02
CA ALA D 137 -1.23 3.02 5.78
C ALA D 137 0.07 3.01 4.99
N ASP D 138 0.21 3.92 4.04
CA ASP D 138 1.48 4.02 3.32
C ASP D 138 1.90 5.46 3.00
N MET D 139 3.03 5.60 2.31
CA MET D 139 3.62 6.90 2.00
C MET D 139 2.63 7.83 1.32
N ALA D 140 1.80 7.28 0.44
CA ALA D 140 0.87 8.10 -0.30
C ALA D 140 -0.26 8.62 0.60
N ALA D 141 -0.82 7.73 1.41
CA ALA D 141 -1.89 8.14 2.31
C ALA D 141 -1.39 9.26 3.24
N LEU D 142 -0.09 9.25 3.51
CA LEU D 142 0.57 10.30 4.27
C LEU D 142 0.36 11.67 3.65
N ILE D 143 0.41 11.77 2.33
CA ILE D 143 0.11 13.03 1.67
C ILE D 143 -1.30 13.47 2.01
N THR D 144 -2.25 12.54 1.88
CA THR D 144 -3.64 12.81 2.21
C THR D 144 -3.78 13.11 3.71
N LYS D 145 -3.07 12.36 4.54
CA LYS D 145 -3.13 12.59 5.99
C LYS D 145 -2.80 14.05 6.29
N HIS D 146 -1.70 14.52 5.72
CA HIS D 146 -1.24 15.86 6.03
C HIS D 146 -2.18 16.94 5.51
N LYS D 147 -2.73 16.70 4.33
CA LYS D 147 -3.68 17.61 3.71
C LYS D 147 -4.94 17.74 4.58
N TRP D 148 -5.30 16.66 5.25
CA TRP D 148 -6.51 16.66 6.06
C TRP D 148 -6.34 17.29 7.44
N GLU D 149 -5.22 17.01 8.11
CA GLU D 149 -4.91 17.64 9.39
C GLU D 149 -4.77 19.15 9.18
N GLN D 150 -4.11 19.52 8.10
CA GLN D 150 -3.87 20.91 7.79
C GLN D 150 -5.07 21.53 7.09
N ALA D 151 -6.25 20.98 7.34
CA ALA D 151 -7.47 21.56 6.82
C ALA D 151 -8.61 21.34 7.79
N GLY D 152 -8.26 20.84 8.98
CA GLY D 152 -9.23 20.62 10.03
C GLY D 152 -10.36 19.74 9.55
N GLU D 153 -9.99 18.56 9.07
CA GLU D 153 -10.94 17.62 8.50
C GLU D 153 -11.45 16.69 9.58
N ALA D 154 -10.56 16.32 10.50
CA ALA D 154 -10.91 15.46 11.61
C ALA D 154 -12.17 15.96 12.31
N GLU D 155 -12.26 17.28 12.49
CA GLU D 155 -13.39 17.87 13.22
C GLU D 155 -14.68 17.83 12.42
N ARG D 156 -14.62 18.21 11.14
CA ARG D 156 -15.82 18.26 10.32
C ARG D 156 -16.48 16.89 10.30
N LEU D 157 -15.65 15.86 10.41
CA LEU D 157 -16.10 14.48 10.33
C LEU D 157 -16.53 13.93 11.70
N ARG D 158 -15.76 14.23 12.74
CA ARG D 158 -16.17 13.86 14.10
C ARG D 158 -17.57 14.41 14.38
N ALA D 159 -17.82 15.61 13.85
CA ALA D 159 -19.11 16.28 13.99
C ALA D 159 -20.23 15.48 13.34
N TYR D 160 -19.95 14.95 12.15
CA TYR D 160 -20.91 14.12 11.44
C TYR D 160 -21.14 12.84 12.20
N LEU D 161 -20.03 12.22 12.61
CA LEU D 161 -20.08 10.89 13.18
C LEU D 161 -20.87 10.87 14.48
N GLU D 162 -20.50 11.73 15.42
CA GLU D 162 -21.17 11.67 16.73
C GLU D 162 -22.47 12.46 16.74
N GLY D 163 -22.65 13.32 15.75
CA GLY D 163 -23.88 14.10 15.65
C GLY D 163 -24.82 13.63 14.57
N THR D 164 -24.67 14.20 13.38
CA THR D 164 -25.48 13.84 12.21
C THR D 164 -25.78 12.35 12.07
N CYS D 165 -24.72 11.55 12.09
CA CYS D 165 -24.84 10.14 11.80
C CYS D 165 -25.80 9.53 12.81
N VAL D 166 -25.51 9.81 14.08
CA VAL D 166 -26.35 9.40 15.18
C VAL D 166 -27.82 9.84 15.02
N GLU D 167 -28.05 11.11 14.71
CA GLU D 167 -29.41 11.63 14.67
C GLU D 167 -30.22 10.93 13.61
N TRP D 168 -29.66 10.85 12.41
CA TRP D 168 -30.36 10.20 11.31
C TRP D 168 -30.57 8.71 11.55
N LEU D 169 -29.60 8.05 12.15
CA LEU D 169 -29.77 6.64 12.47
C LEU D 169 -31.00 6.44 13.34
N ARG D 170 -31.22 7.38 14.25
CA ARG D 170 -32.34 7.28 15.16
C ARG D 170 -33.59 7.40 14.32
N ARG D 171 -33.59 8.39 13.45
CA ARG D 171 -34.71 8.65 12.56
C ARG D 171 -35.07 7.43 11.72
N TYR D 172 -34.04 6.76 11.18
CA TYR D 172 -34.26 5.62 10.29
C TYR D 172 -34.85 4.43 11.03
N LEU D 173 -34.43 4.25 12.27
CA LEU D 173 -34.91 3.13 13.09
C LEU D 173 -36.39 3.26 13.44
N LYS D 174 -36.85 4.48 13.68
CA LYS D 174 -38.25 4.66 14.03
C LYS D 174 -39.14 4.03 12.97
N ASN D 175 -38.70 4.14 11.72
CA ASN D 175 -39.44 3.60 10.60
C ASN D 175 -38.95 2.21 10.20
N GLY D 176 -37.69 1.92 10.50
CA GLY D 176 -37.08 0.65 10.14
C GLY D 176 -37.31 -0.49 11.13
N ASN D 177 -37.14 -0.22 12.42
CA ASN D 177 -37.19 -1.26 13.45
C ASN D 177 -38.28 -2.31 13.28
N ALA D 178 -39.48 -1.88 12.94
CA ALA D 178 -40.56 -2.81 12.63
C ALA D 178 -40.02 -4.02 11.84
N THR D 179 -39.54 -3.77 10.64
CA THR D 179 -39.05 -4.85 9.78
C THR D 179 -37.63 -5.31 10.14
N LEU D 180 -36.77 -4.37 10.51
CA LEU D 180 -35.38 -4.73 10.82
C LEU D 180 -35.28 -5.90 11.80
N LEU D 181 -36.20 -5.93 12.75
CA LEU D 181 -36.19 -6.95 13.81
C LEU D 181 -36.52 -8.35 13.30
N ARG D 182 -36.77 -8.49 12.00
CA ARG D 182 -37.11 -9.79 11.43
C ARG D 182 -36.15 -10.89 11.90
N THR D 183 -36.72 -12.03 12.27
CA THR D 183 -35.92 -13.17 12.64
C THR D 183 -36.65 -14.42 12.18
N ASP D 184 -36.06 -15.15 11.25
CA ASP D 184 -36.65 -16.35 10.72
C ASP D 184 -35.87 -17.59 11.14
N SER D 185 -36.54 -18.46 11.90
CA SER D 185 -35.86 -19.62 12.46
C SER D 185 -35.56 -20.67 11.40
N PRO D 186 -34.34 -21.24 11.43
CA PRO D 186 -33.98 -22.25 10.45
C PRO D 186 -34.85 -23.48 10.56
N LYS D 187 -35.21 -24.05 9.40
CA LYS D 187 -35.67 -25.43 9.31
C LYS D 187 -34.42 -26.28 9.07
N ALA D 188 -34.36 -27.43 9.73
CA ALA D 188 -33.23 -28.33 9.56
C ALA D 188 -33.71 -29.69 9.03
N HIS D 189 -32.77 -30.48 8.54
CA HIS D 189 -33.06 -31.87 8.21
C HIS D 189 -31.76 -32.54 7.83
N VAL D 190 -31.71 -33.85 7.98
CA VAL D 190 -30.48 -34.57 7.67
C VAL D 190 -30.71 -35.37 6.42
N THR D 191 -29.72 -35.39 5.55
CA THR D 191 -29.75 -36.21 4.36
C THR D 191 -28.64 -37.22 4.45
N HIS D 192 -28.79 -38.31 3.73
CA HIS D 192 -27.93 -39.48 3.84
C HIS D 192 -27.29 -39.77 2.47
N HIS D 193 -25.99 -39.99 2.44
CA HIS D 193 -25.29 -40.22 1.19
C HIS D 193 -24.23 -41.32 1.27
N SER D 194 -24.15 -42.14 0.23
CA SER D 194 -23.15 -43.18 0.13
C SER D 194 -21.74 -42.61 0.14
N ARG D 195 -20.82 -43.30 0.83
CA ARG D 195 -19.39 -43.15 0.62
C ARG D 195 -18.82 -44.45 0.05
N PRO D 196 -17.56 -44.43 -0.38
CA PRO D 196 -16.96 -45.73 -0.70
C PRO D 196 -16.97 -46.63 0.53
N GLU D 197 -17.25 -47.92 0.32
CA GLU D 197 -17.15 -48.93 1.36
C GLU D 197 -18.18 -48.77 2.47
N ASP D 198 -17.75 -49.00 3.71
CA ASP D 198 -18.67 -49.05 4.85
C ASP D 198 -18.89 -47.69 5.52
N LYS D 199 -18.74 -46.61 4.75
CA LYS D 199 -18.99 -45.27 5.27
C LYS D 199 -20.19 -44.64 4.60
N VAL D 200 -20.79 -43.66 5.27
CA VAL D 200 -21.85 -42.85 4.69
C VAL D 200 -21.70 -41.43 5.19
N THR D 201 -22.28 -40.49 4.47
CA THR D 201 -22.18 -39.09 4.83
C THR D 201 -23.53 -38.63 5.32
N LEU D 202 -23.58 -38.11 6.54
CA LEU D 202 -24.79 -37.46 7.03
C LEU D 202 -24.61 -35.97 6.87
N ARG D 203 -25.57 -35.33 6.21
CA ARG D 203 -25.47 -33.91 5.94
C ARG D 203 -26.60 -33.18 6.63
N CYS D 204 -26.24 -32.22 7.49
CA CYS D 204 -27.25 -31.50 8.26
C CYS D 204 -27.51 -30.13 7.68
N TRP D 205 -28.74 -29.95 7.22
CA TRP D 205 -29.16 -28.78 6.46
C TRP D 205 -29.95 -27.83 7.33
N ALA D 206 -29.57 -26.56 7.30
CA ALA D 206 -30.32 -25.47 7.90
C ALA D 206 -30.73 -24.49 6.79
N LEU D 207 -32.04 -24.26 6.66
CA LEU D 207 -32.58 -23.52 5.54
C LEU D 207 -33.56 -22.44 6.02
N GLY D 208 -33.70 -21.38 5.22
CA GLY D 208 -34.72 -20.36 5.44
C GLY D 208 -34.46 -19.39 6.59
N PHE D 209 -33.27 -19.38 7.14
CA PHE D 209 -33.06 -18.62 8.37
C PHE D 209 -32.52 -17.22 8.11
N TYR D 210 -32.67 -16.36 9.13
CA TYR D 210 -32.22 -14.98 9.09
C TYR D 210 -32.30 -14.41 10.51
N PRO D 211 -31.27 -13.68 10.97
CA PRO D 211 -30.01 -13.33 10.30
C PRO D 211 -29.20 -14.54 9.86
N ALA D 212 -28.08 -14.26 9.23
CA ALA D 212 -27.25 -15.26 8.57
C ALA D 212 -26.50 -16.06 9.60
N ASP D 213 -26.17 -15.39 10.70
CA ASP D 213 -25.38 -16.02 11.75
C ASP D 213 -26.04 -17.25 12.33
N ILE D 214 -25.31 -18.36 12.26
CA ILE D 214 -25.80 -19.66 12.70
C ILE D 214 -24.63 -20.55 13.04
N THR D 215 -24.91 -21.58 13.82
CA THR D 215 -23.90 -22.56 14.16
C THR D 215 -24.51 -23.95 14.08
N LEU D 216 -23.83 -24.84 13.39
CA LEU D 216 -24.29 -26.21 13.22
C LEU D 216 -23.23 -27.14 13.77
N THR D 217 -23.64 -28.15 14.55
CA THR D 217 -22.69 -29.12 15.09
C THR D 217 -23.15 -30.56 14.92
N TRP D 218 -22.19 -31.47 14.85
CA TRP D 218 -22.53 -32.88 14.90
C TRP D 218 -21.98 -33.47 16.18
N GLN D 219 -22.81 -34.27 16.85
CA GLN D 219 -22.37 -34.89 18.09
C GLN D 219 -22.40 -36.41 17.99
N LEU D 220 -21.33 -37.04 18.45
CA LEU D 220 -21.30 -38.48 18.63
C LEU D 220 -21.02 -38.70 20.09
N ASN D 221 -21.78 -39.60 20.72
CA ASN D 221 -21.58 -39.88 22.14
C ASN D 221 -21.95 -38.59 22.90
N GLY D 222 -20.94 -37.87 23.37
CA GLY D 222 -21.18 -36.59 23.99
C GLY D 222 -20.50 -35.44 23.26
N GLU D 223 -19.34 -35.72 22.67
CA GLU D 223 -18.49 -34.68 22.11
C GLU D 223 -18.99 -34.09 20.79
N GLU D 224 -18.76 -32.80 20.62
CA GLU D 224 -18.93 -32.17 19.33
C GLU D 224 -17.85 -32.69 18.43
N LEU D 225 -18.14 -32.74 17.14
CA LEU D 225 -17.20 -33.32 16.20
C LEU D 225 -16.36 -32.26 15.49
N ILE D 226 -15.49 -31.61 16.27
CA ILE D 226 -14.36 -30.89 15.72
C ILE D 226 -13.66 -31.80 14.71
N GLN D 227 -12.72 -31.27 13.94
CA GLN D 227 -11.91 -32.10 13.05
C GLN D 227 -12.74 -32.95 12.07
N ASP D 228 -12.25 -33.04 10.84
CA ASP D 228 -12.91 -33.78 9.76
C ASP D 228 -14.45 -33.73 9.72
N MET D 229 -15.03 -32.66 10.27
CA MET D 229 -16.42 -32.36 9.98
C MET D 229 -16.43 -31.33 8.86
N GLU D 230 -17.17 -31.63 7.78
CA GLU D 230 -17.22 -30.74 6.65
C GLU D 230 -18.40 -29.77 6.71
N LEU D 231 -18.24 -28.61 6.08
CA LEU D 231 -19.32 -27.62 6.04
C LEU D 231 -19.10 -26.56 4.97
N VAL D 232 -20.19 -25.93 4.55
CA VAL D 232 -20.09 -24.83 3.61
C VAL D 232 -20.25 -23.51 4.32
N GLU D 233 -19.62 -22.47 3.78
CA GLU D 233 -19.89 -21.12 4.22
C GLU D 233 -21.37 -20.83 4.07
N THR D 234 -21.92 -20.05 4.98
CA THR D 234 -23.32 -19.63 4.90
C THR D 234 -23.50 -18.87 3.62
N ARG D 235 -24.68 -19.01 3.01
CA ARG D 235 -24.89 -18.46 1.70
C ARG D 235 -26.33 -17.98 1.55
N PRO D 236 -26.53 -16.97 0.69
CA PRO D 236 -27.89 -16.50 0.50
C PRO D 236 -28.71 -17.44 -0.36
N ALA D 237 -29.96 -17.66 0.05
CA ALA D 237 -30.92 -18.41 -0.73
C ALA D 237 -31.36 -17.57 -1.89
N GLY D 238 -31.24 -16.27 -1.73
CA GLY D 238 -31.58 -15.32 -2.77
C GLY D 238 -32.97 -14.75 -2.60
N ASP D 239 -33.70 -15.24 -1.60
CA ASP D 239 -35.00 -14.68 -1.27
C ASP D 239 -34.93 -13.92 0.04
N GLY D 240 -33.71 -13.64 0.49
CA GLY D 240 -33.55 -12.93 1.75
C GLY D 240 -33.10 -13.84 2.88
N THR D 241 -33.43 -15.13 2.78
CA THR D 241 -32.97 -16.08 3.81
C THR D 241 -31.63 -16.71 3.42
N PHE D 242 -30.99 -17.33 4.40
CA PHE D 242 -29.72 -18.02 4.20
C PHE D 242 -29.77 -19.55 4.37
N GLN D 243 -28.63 -20.20 4.13
CA GLN D 243 -28.54 -21.66 4.13
C GLN D 243 -27.20 -22.06 4.71
N LYS D 244 -27.16 -23.20 5.38
CA LYS D 244 -25.89 -23.79 5.74
C LYS D 244 -26.03 -25.31 5.86
N TRP D 245 -24.92 -26.02 5.72
CA TRP D 245 -24.92 -27.42 6.12
C TRP D 245 -23.59 -27.87 6.70
N ALA D 246 -23.68 -28.86 7.57
CA ALA D 246 -22.50 -29.54 8.06
C ALA D 246 -22.73 -31.03 7.85
N SER D 247 -21.65 -31.73 7.54
CA SER D 247 -21.79 -33.12 7.23
C SER D 247 -20.67 -33.88 7.93
N VAL D 248 -20.95 -35.13 8.32
CA VAL D 248 -19.91 -36.02 8.83
C VAL D 248 -19.94 -37.35 8.12
N VAL D 249 -18.79 -37.98 8.02
CA VAL D 249 -18.75 -39.35 7.56
C VAL D 249 -18.81 -40.26 8.79
N VAL D 250 -19.74 -41.20 8.75
CA VAL D 250 -19.99 -42.10 9.87
C VAL D 250 -20.16 -43.51 9.33
N PRO D 251 -19.93 -44.52 10.18
CA PRO D 251 -19.99 -45.91 9.70
C PRO D 251 -21.41 -46.31 9.31
N LEU D 252 -21.51 -47.03 8.20
CA LEU D 252 -22.77 -47.63 7.78
C LEU D 252 -23.33 -48.40 8.95
N GLY D 253 -24.64 -48.28 9.18
CA GLY D 253 -25.25 -48.96 10.30
C GLY D 253 -25.21 -48.16 11.60
N LYS D 254 -24.37 -47.12 11.64
CA LYS D 254 -24.24 -46.31 12.86
C LYS D 254 -24.87 -44.92 12.76
N GLU D 255 -25.65 -44.65 11.73
CA GLU D 255 -26.20 -43.32 11.53
C GLU D 255 -26.91 -42.80 12.77
N GLN D 256 -27.54 -43.68 13.54
CA GLN D 256 -28.42 -43.24 14.62
C GLN D 256 -27.67 -42.82 15.89
N TYR D 257 -26.36 -42.97 15.87
CA TYR D 257 -25.54 -42.60 17.00
C TYR D 257 -25.07 -41.15 16.89
N TYR D 258 -25.60 -40.43 15.89
CA TYR D 258 -25.18 -39.05 15.64
C TYR D 258 -26.32 -38.06 15.70
N THR D 259 -26.08 -36.95 16.40
CA THR D 259 -27.07 -35.90 16.58
C THR D 259 -26.56 -34.59 15.97
N CYS D 260 -27.41 -33.98 15.16
CA CYS D 260 -27.09 -32.68 14.63
C CYS D 260 -27.71 -31.60 15.53
N HIS D 261 -26.94 -30.55 15.77
CA HIS D 261 -27.41 -29.42 16.58
C HIS D 261 -27.40 -28.06 15.86
N VAL D 262 -28.52 -27.37 15.91
CA VAL D 262 -28.57 -26.05 15.30
C VAL D 262 -28.73 -24.93 16.34
N TYR D 263 -27.91 -23.89 16.23
CA TYR D 263 -27.95 -22.77 17.15
C TYR D 263 -28.21 -21.44 16.45
N HIS D 264 -29.43 -20.93 16.57
CA HIS D 264 -29.79 -19.67 15.95
C HIS D 264 -30.50 -18.74 16.94
N GLN D 265 -30.11 -17.48 16.97
CA GLN D 265 -30.79 -16.48 17.79
C GLN D 265 -32.33 -16.58 17.73
N GLY D 266 -32.88 -17.02 16.60
CA GLY D 266 -34.31 -17.15 16.50
C GLY D 266 -34.83 -18.37 17.23
N LEU D 267 -33.91 -19.23 17.64
CA LEU D 267 -34.27 -20.46 18.33
C LEU D 267 -34.13 -20.36 19.86
N PRO D 268 -35.27 -20.45 20.56
CA PRO D 268 -35.27 -20.40 22.03
C PRO D 268 -34.40 -21.54 22.57
N GLU D 269 -34.62 -22.73 22.03
CA GLU D 269 -33.79 -23.90 22.31
C GLU D 269 -33.17 -24.34 20.98
N PRO D 270 -31.86 -24.63 20.98
CA PRO D 270 -31.24 -25.19 19.76
C PRO D 270 -32.05 -26.36 19.23
N LEU D 271 -31.86 -26.70 17.96
CA LEU D 271 -32.56 -27.85 17.38
C LEU D 271 -31.65 -29.05 17.48
N THR D 272 -32.27 -30.18 17.75
CA THR D 272 -31.59 -31.46 17.71
C THR D 272 -32.35 -32.29 16.72
N LEU D 273 -31.67 -33.21 16.06
CA LEU D 273 -32.32 -34.02 15.05
C LEU D 273 -31.34 -35.03 14.53
N ARG D 274 -31.88 -36.14 14.04
CA ARG D 274 -31.06 -37.20 13.49
C ARG D 274 -31.55 -37.56 12.10
N TRP D 275 -30.69 -38.25 11.36
CA TRP D 275 -31.11 -38.94 10.16
C TRP D 275 -32.35 -39.80 10.48
N GLU D 276 -33.40 -39.60 9.72
CA GLU D 276 -34.62 -40.38 9.86
C GLU D 276 -34.91 -41.15 8.55
N PRO D 277 -34.60 -42.46 8.56
CA PRO D 277 -34.89 -43.28 7.38
C PRO D 277 -36.39 -43.35 7.11
N PRO D 278 -36.80 -43.16 5.85
CA PRO D 278 -38.20 -43.21 5.41
C PRO D 278 -38.74 -44.65 5.28
N ILE E 1 -3.50 -5.31 -4.61
CA ILE E 1 -3.39 -6.76 -4.68
C ILE E 1 -4.72 -7.41 -5.05
N GLN E 2 -4.66 -8.52 -5.77
CA GLN E 2 -5.86 -9.24 -6.24
C GLN E 2 -6.26 -10.41 -5.34
N LYS E 3 -7.55 -10.69 -5.27
CA LYS E 3 -8.04 -11.82 -4.49
C LYS E 3 -8.84 -12.79 -5.35
N THR E 4 -8.55 -14.08 -5.22
CA THR E 4 -9.20 -15.11 -6.03
C THR E 4 -10.61 -15.43 -5.55
N PRO E 5 -11.58 -15.42 -6.47
CA PRO E 5 -12.97 -15.68 -6.11
C PRO E 5 -13.18 -17.05 -5.51
N GLN E 6 -14.15 -17.13 -4.59
CA GLN E 6 -14.65 -18.41 -4.08
C GLN E 6 -16.02 -18.57 -4.67
N ILE E 7 -16.38 -19.79 -5.03
CA ILE E 7 -17.62 -20.02 -5.74
C ILE E 7 -18.46 -21.06 -5.02
N GLN E 8 -19.77 -20.85 -4.97
CA GLN E 8 -20.69 -21.91 -4.54
C GLN E 8 -21.84 -21.97 -5.50
N VAL E 9 -22.14 -23.18 -5.98
CA VAL E 9 -23.29 -23.36 -6.86
C VAL E 9 -24.28 -24.25 -6.14
N TYR E 10 -25.53 -23.82 -6.11
CA TYR E 10 -26.52 -24.44 -5.24
C TYR E 10 -27.90 -23.89 -5.57
N SER E 11 -28.92 -24.70 -5.32
CA SER E 11 -30.31 -24.31 -5.58
C SER E 11 -30.88 -23.57 -4.39
N ARG E 12 -31.93 -22.80 -4.65
CA ARG E 12 -32.58 -22.00 -3.63
C ARG E 12 -33.34 -22.92 -2.68
N HIS E 13 -33.94 -23.95 -3.27
CA HIS E 13 -34.74 -24.92 -2.57
C HIS E 13 -34.13 -26.29 -2.81
N PRO E 14 -34.42 -27.25 -1.91
CA PRO E 14 -33.94 -28.59 -2.21
C PRO E 14 -34.49 -29.02 -3.56
N PRO E 15 -33.63 -29.56 -4.43
CA PRO E 15 -34.06 -29.97 -5.78
C PRO E 15 -35.05 -31.14 -5.75
N GLU E 16 -36.11 -31.02 -6.53
CA GLU E 16 -36.95 -32.16 -6.86
C GLU E 16 -37.06 -32.21 -8.38
N ASN E 17 -36.70 -33.34 -8.98
CA ASN E 17 -36.81 -33.46 -10.41
C ASN E 17 -38.20 -33.00 -10.87
N GLY E 18 -38.25 -32.20 -11.93
CA GLY E 18 -39.54 -31.77 -12.45
C GLY E 18 -40.08 -30.46 -11.91
N LYS E 19 -39.82 -30.17 -10.63
CA LYS E 19 -40.35 -28.95 -10.03
C LYS E 19 -39.39 -27.76 -10.18
N PRO E 20 -39.90 -26.64 -10.71
CA PRO E 20 -39.14 -25.40 -10.96
C PRO E 20 -38.44 -24.88 -9.72
N ASN E 21 -37.24 -24.36 -9.92
CA ASN E 21 -36.36 -23.93 -8.84
C ASN E 21 -35.49 -22.78 -9.32
N ILE E 22 -34.67 -22.25 -8.42
CA ILE E 22 -33.69 -21.23 -8.78
C ILE E 22 -32.29 -21.75 -8.47
N LEU E 23 -31.38 -21.60 -9.43
CA LEU E 23 -29.99 -21.98 -9.25
C LEU E 23 -29.11 -20.76 -8.98
N ASN E 24 -28.33 -20.81 -7.89
CA ASN E 24 -27.43 -19.74 -7.52
C ASN E 24 -25.98 -20.08 -7.79
N CYS E 25 -25.22 -19.07 -8.18
CA CYS E 25 -23.78 -19.11 -8.15
C CYS E 25 -23.37 -17.93 -7.31
N TYR E 26 -22.93 -18.19 -6.07
CA TYR E 26 -22.54 -17.16 -5.12
C TYR E 26 -21.05 -16.95 -5.18
N VAL E 27 -20.61 -15.76 -5.55
CA VAL E 27 -19.18 -15.56 -5.72
C VAL E 27 -18.66 -14.49 -4.79
N THR E 28 -17.62 -14.82 -4.04
CA THR E 28 -17.15 -13.94 -2.98
C THR E 28 -15.63 -13.85 -2.97
N GLN E 29 -15.11 -12.91 -2.19
CA GLN E 29 -13.67 -12.81 -1.91
C GLN E 29 -12.81 -12.42 -3.08
N PHE E 30 -13.36 -11.67 -4.03
CA PHE E 30 -12.60 -11.30 -5.22
C PHE E 30 -12.23 -9.81 -5.33
N HIS E 31 -11.14 -9.53 -6.04
CA HIS E 31 -10.62 -8.19 -6.27
C HIS E 31 -9.55 -8.32 -7.35
N PRO E 32 -9.59 -7.45 -8.38
CA PRO E 32 -10.46 -6.30 -8.61
C PRO E 32 -11.90 -6.70 -8.78
N PRO E 33 -12.82 -5.73 -8.73
CA PRO E 33 -14.26 -5.97 -8.78
C PRO E 33 -14.81 -6.40 -10.15
N HIS E 34 -14.05 -6.20 -11.23
CA HIS E 34 -14.56 -6.66 -12.52
C HIS E 34 -14.55 -8.18 -12.61
N ILE E 35 -15.70 -8.72 -12.94
CA ILE E 35 -15.85 -10.16 -12.96
C ILE E 35 -16.85 -10.57 -14.02
N GLU E 36 -16.60 -11.74 -14.61
CA GLU E 36 -17.49 -12.29 -15.60
C GLU E 36 -17.96 -13.64 -15.10
N ILE E 37 -19.26 -13.79 -15.02
CA ILE E 37 -19.88 -14.95 -14.46
C ILE E 37 -20.91 -15.51 -15.41
N GLN E 38 -20.75 -16.78 -15.77
CA GLN E 38 -21.76 -17.44 -16.56
C GLN E 38 -22.24 -18.73 -15.90
N MET E 39 -23.50 -19.07 -16.19
CA MET E 39 -24.05 -20.34 -15.78
C MET E 39 -24.36 -21.15 -17.04
N LEU E 40 -23.91 -22.40 -17.06
CA LEU E 40 -24.03 -23.25 -18.24
C LEU E 40 -24.90 -24.47 -17.98
N LYS E 41 -25.75 -24.80 -18.95
CA LYS E 41 -26.56 -25.99 -18.88
C LYS E 41 -26.11 -26.99 -19.94
N ASN E 42 -25.56 -28.11 -19.48
CA ASN E 42 -25.10 -29.18 -20.35
C ASN E 42 -24.05 -28.66 -21.33
N GLY E 43 -23.21 -27.77 -20.83
CA GLY E 43 -22.06 -27.30 -21.57
C GLY E 43 -22.30 -26.00 -22.33
N LYS E 44 -23.55 -25.56 -22.39
CA LYS E 44 -23.90 -24.38 -23.18
C LYS E 44 -24.39 -23.26 -22.26
N LYS E 45 -23.85 -22.06 -22.48
CA LYS E 45 -24.20 -20.88 -21.67
C LYS E 45 -25.69 -20.63 -21.62
N ILE E 46 -26.22 -20.51 -20.40
CA ILE E 46 -27.61 -20.14 -20.20
C ILE E 46 -27.82 -18.63 -20.48
N PRO E 47 -28.85 -18.32 -21.29
CA PRO E 47 -29.20 -16.97 -21.75
C PRO E 47 -29.53 -15.95 -20.64
N LYS E 48 -30.56 -16.20 -19.82
CA LYS E 48 -31.04 -15.18 -18.89
C LYS E 48 -30.56 -15.36 -17.44
N VAL E 49 -29.35 -14.91 -17.15
CA VAL E 49 -28.82 -14.98 -15.81
C VAL E 49 -28.92 -13.61 -15.10
N GLU E 50 -29.89 -13.50 -14.19
CA GLU E 50 -30.00 -12.33 -13.34
C GLU E 50 -28.70 -12.19 -12.56
N MET E 51 -28.41 -10.98 -12.11
CA MET E 51 -27.23 -10.76 -11.30
C MET E 51 -27.57 -9.82 -10.16
N SER E 52 -27.03 -10.10 -8.97
CA SER E 52 -27.32 -9.24 -7.82
C SER E 52 -26.44 -8.01 -7.87
N ASP E 53 -26.87 -6.94 -7.22
CA ASP E 53 -26.02 -5.77 -7.09
C ASP E 53 -24.76 -6.24 -6.40
N MET E 54 -23.63 -5.67 -6.77
CA MET E 54 -22.40 -6.06 -6.12
C MET E 54 -22.23 -5.33 -4.80
N SER E 55 -21.47 -5.94 -3.91
CA SER E 55 -21.24 -5.42 -2.57
C SER E 55 -19.82 -5.81 -2.24
N PHE E 56 -19.25 -5.22 -1.20
CA PHE E 56 -17.98 -5.73 -0.74
C PHE E 56 -17.99 -5.89 0.78
N SER E 57 -16.98 -6.56 1.30
CA SER E 57 -16.96 -6.91 2.70
C SER E 57 -16.04 -5.97 3.46
N LYS E 58 -16.02 -6.13 4.79
CA LYS E 58 -15.15 -5.37 5.67
C LYS E 58 -13.68 -5.53 5.22
N ASP E 59 -13.35 -6.70 4.69
CA ASP E 59 -11.99 -6.96 4.20
C ASP E 59 -11.72 -6.37 2.80
N TRP E 60 -12.73 -5.70 2.22
CA TRP E 60 -12.64 -5.01 0.92
C TRP E 60 -13.05 -5.85 -0.29
N SER E 61 -12.87 -7.16 -0.22
CA SER E 61 -13.20 -8.03 -1.34
C SER E 61 -14.68 -7.96 -1.70
N PHE E 62 -14.97 -8.16 -2.98
CA PHE E 62 -16.33 -8.06 -3.47
C PHE E 62 -17.06 -9.41 -3.51
N TYR E 63 -18.37 -9.35 -3.60
CA TYR E 63 -19.19 -10.53 -3.71
C TYR E 63 -20.47 -10.16 -4.41
N ILE E 64 -21.07 -11.15 -5.03
CA ILE E 64 -22.24 -10.95 -5.86
C ILE E 64 -22.85 -12.31 -6.06
N LEU E 65 -24.16 -12.34 -6.27
CA LEU E 65 -24.94 -13.56 -6.47
C LEU E 65 -25.61 -13.62 -7.86
N ALA E 66 -25.18 -14.56 -8.70
CA ALA E 66 -25.83 -14.81 -9.98
C ALA E 66 -26.86 -15.92 -9.84
N HIS E 67 -28.02 -15.75 -10.47
CA HIS E 67 -29.05 -16.77 -10.39
C HIS E 67 -29.90 -16.89 -11.66
N THR E 68 -30.39 -18.10 -11.91
CA THR E 68 -31.22 -18.39 -13.06
C THR E 68 -32.29 -19.36 -12.60
N GLU E 69 -33.45 -19.35 -13.26
CA GLU E 69 -34.51 -20.31 -12.94
C GLU E 69 -34.22 -21.62 -13.63
N PHE E 70 -34.54 -22.73 -12.98
CA PHE E 70 -34.32 -24.03 -13.63
C PHE E 70 -35.13 -25.13 -12.99
N THR E 71 -35.48 -26.10 -13.81
CA THR E 71 -36.21 -27.26 -13.34
C THR E 71 -35.29 -28.47 -13.47
N PRO E 72 -34.74 -28.92 -12.34
CA PRO E 72 -33.79 -30.04 -12.35
C PRO E 72 -34.37 -31.35 -12.87
N THR E 73 -33.56 -32.04 -13.68
CA THR E 73 -33.83 -33.41 -14.04
C THR E 73 -32.74 -34.24 -13.41
N GLU E 74 -32.81 -35.56 -13.57
CA GLU E 74 -31.82 -36.43 -12.97
C GLU E 74 -30.47 -36.38 -13.69
N THR E 75 -30.47 -35.97 -14.94
CA THR E 75 -29.24 -36.04 -15.73
C THR E 75 -28.68 -34.70 -16.22
N ASP E 76 -29.48 -33.64 -16.16
CA ASP E 76 -28.98 -32.31 -16.54
C ASP E 76 -27.83 -31.82 -15.69
N THR E 77 -26.72 -31.49 -16.36
CA THR E 77 -25.54 -30.96 -15.72
C THR E 77 -25.62 -29.43 -15.70
N TYR E 78 -25.32 -28.84 -14.55
CA TYR E 78 -25.29 -27.38 -14.41
C TYR E 78 -23.96 -26.94 -13.84
N ALA E 79 -23.41 -25.86 -14.36
CA ALA E 79 -22.15 -25.35 -13.85
C ALA E 79 -22.14 -23.82 -13.83
N CYS E 80 -21.18 -23.26 -13.13
CA CYS E 80 -21.02 -21.82 -13.07
C CYS E 80 -19.59 -21.53 -13.43
N ARG E 81 -19.38 -20.59 -14.35
CA ARG E 81 -18.02 -20.30 -14.79
C ARG E 81 -17.66 -18.84 -14.51
N VAL E 82 -16.47 -18.65 -13.96
CA VAL E 82 -16.06 -17.34 -13.51
C VAL E 82 -14.69 -17.02 -14.07
N LYS E 83 -14.62 -15.96 -14.84
CA LYS E 83 -13.35 -15.45 -15.31
C LYS E 83 -13.05 -14.25 -14.46
N HIS E 84 -11.84 -14.17 -13.97
CA HIS E 84 -11.45 -13.01 -13.21
C HIS E 84 -9.94 -12.84 -13.26
N ASP E 85 -9.52 -11.59 -13.18
CA ASP E 85 -8.15 -11.19 -13.45
C ASP E 85 -7.16 -11.94 -12.57
N SER E 86 -7.64 -12.50 -11.46
CA SER E 86 -6.77 -13.09 -10.46
C SER E 86 -6.40 -14.52 -10.81
N MET E 87 -7.11 -15.07 -11.80
CA MET E 87 -6.89 -16.44 -12.24
C MET E 87 -6.47 -16.49 -13.70
N ALA E 88 -5.39 -17.22 -13.98
CA ALA E 88 -4.87 -17.36 -15.32
C ALA E 88 -5.91 -17.90 -16.30
N GLU E 89 -6.98 -18.51 -15.78
CA GLU E 89 -7.99 -19.12 -16.64
C GLU E 89 -9.34 -19.19 -15.93
N PRO E 90 -10.44 -19.22 -16.70
CA PRO E 90 -11.76 -19.31 -16.07
C PRO E 90 -11.85 -20.50 -15.13
N LYS E 91 -12.54 -20.32 -14.02
CA LYS E 91 -12.77 -21.43 -13.10
C LYS E 91 -14.23 -21.83 -13.21
N THR E 92 -14.46 -23.15 -13.37
CA THR E 92 -15.81 -23.71 -13.46
C THR E 92 -16.16 -24.53 -12.22
N VAL E 93 -17.40 -24.46 -11.81
CA VAL E 93 -17.83 -25.20 -10.63
C VAL E 93 -19.16 -25.83 -10.93
N TYR E 94 -19.22 -27.17 -10.83
CA TYR E 94 -20.44 -27.91 -11.10
C TYR E 94 -21.37 -28.00 -9.90
N TRP E 95 -22.65 -27.88 -10.18
CA TRP E 95 -23.70 -28.09 -9.21
C TRP E 95 -23.80 -29.55 -8.75
N ASP E 96 -23.80 -29.71 -7.44
CA ASP E 96 -23.95 -31.01 -6.81
C ASP E 96 -25.24 -30.94 -6.02
N ARG E 97 -26.27 -31.65 -6.46
CA ARG E 97 -27.60 -31.54 -5.84
C ARG E 97 -27.54 -31.95 -4.37
N ASP E 98 -26.44 -32.57 -3.97
CA ASP E 98 -26.25 -33.04 -2.59
C ASP E 98 -25.51 -32.01 -1.76
N MET E 99 -25.09 -30.90 -2.36
CA MET E 99 -24.32 -29.93 -1.61
C MET E 99 -24.87 -28.50 -1.71
N TYR F 1 16.19 28.82 5.20
CA TYR F 1 16.24 28.65 3.76
C TYR F 1 17.70 28.64 3.27
N THR F 2 17.91 28.70 1.97
CA THR F 2 19.26 28.47 1.46
C THR F 2 20.20 29.64 1.72
N ALA F 3 21.48 29.33 1.86
CA ALA F 3 22.50 30.34 2.13
C ALA F 3 23.04 30.98 0.83
N LYS F 4 23.73 32.10 0.99
CA LYS F 4 24.51 32.65 -0.12
C LYS F 4 25.94 32.16 0.03
N TYR F 5 26.54 31.69 -1.05
CA TYR F 5 27.87 31.10 -0.92
C TYR F 5 28.96 32.08 -1.32
N PRO F 6 30.01 32.15 -0.50
CA PRO F 6 31.21 32.94 -0.82
C PRO F 6 31.91 32.41 -2.05
N ASN F 7 32.54 33.31 -2.81
CA ASN F 7 33.39 32.90 -3.91
C ASN F 7 34.63 32.18 -3.37
N LEU F 8 35.05 31.14 -4.09
CA LEU F 8 36.28 30.45 -3.75
C LEU F 8 37.47 31.26 -4.25
#